data_1V4R
#
_entry.id   1V4R
#
_entity_poly.entity_id   1
_entity_poly.type   'polypeptide(L)'
_entity_poly.pdbx_seq_one_letter_code
;GPMPYKAPEGKGYADVATHFRTLIKSGELAPGDTLPSVADIRAQFGVAAKTVSRALAVLKSEGLVSSRGALGTVVEKNPI
VITGADRLKRMEKNGMRYAPGE
;
_entity_poly.pdbx_strand_id   A
#
# COMPACT_ATOMS: atom_id res chain seq x y z
N MET A 3 -8.26 -14.88 -12.50
CA MET A 3 -8.35 -13.42 -12.29
C MET A 3 -9.53 -12.83 -13.06
N PRO A 4 -10.55 -12.39 -12.34
CA PRO A 4 -11.69 -11.70 -12.92
C PRO A 4 -11.49 -10.19 -12.93
N TYR A 5 -11.42 -9.60 -14.11
CA TYR A 5 -11.21 -8.17 -14.23
C TYR A 5 -12.45 -7.41 -13.75
N LYS A 6 -12.35 -6.90 -12.54
CA LYS A 6 -13.47 -6.33 -11.84
C LYS A 6 -13.54 -4.82 -12.06
N ALA A 7 -14.64 -4.36 -12.65
CA ALA A 7 -14.77 -2.97 -13.05
C ALA A 7 -15.19 -2.08 -11.88
N PRO A 8 -14.65 -0.85 -11.83
CA PRO A 8 -15.02 0.13 -10.81
C PRO A 8 -16.34 0.81 -11.13
N GLU A 9 -17.36 0.54 -10.33
CA GLU A 9 -18.69 1.07 -10.56
C GLU A 9 -18.74 2.58 -10.29
N GLY A 10 -18.36 2.99 -9.09
CA GLY A 10 -18.37 4.39 -8.76
C GLY A 10 -17.40 4.75 -7.64
N LYS A 11 -16.26 4.07 -7.61
CA LYS A 11 -15.28 4.28 -6.56
C LYS A 11 -13.93 4.66 -7.16
N GLY A 12 -13.16 5.47 -6.43
CA GLY A 12 -11.86 5.85 -6.90
C GLY A 12 -10.73 5.15 -6.15
N TYR A 13 -9.67 5.90 -5.88
CA TYR A 13 -8.43 5.35 -5.33
C TYR A 13 -8.53 5.12 -3.82
N ALA A 14 -9.73 5.24 -3.28
CA ALA A 14 -9.95 5.00 -1.86
C ALA A 14 -10.15 3.51 -1.63
N ASP A 15 -10.86 2.87 -2.54
CA ASP A 15 -11.15 1.45 -2.44
C ASP A 15 -9.89 0.63 -2.65
N VAL A 16 -9.02 1.11 -3.54
CA VAL A 16 -7.78 0.41 -3.81
C VAL A 16 -6.82 0.56 -2.62
N ALA A 17 -6.74 1.77 -2.08
CA ALA A 17 -5.94 2.01 -0.90
C ALA A 17 -6.40 1.12 0.25
N THR A 18 -7.72 0.95 0.32
CA THR A 18 -8.32 0.09 1.33
C THR A 18 -7.97 -1.37 1.08
N HIS A 19 -8.08 -1.83 -0.17
CA HIS A 19 -7.85 -3.25 -0.44
C HIS A 19 -6.36 -3.57 -0.49
N PHE A 20 -5.52 -2.56 -0.71
CA PHE A 20 -4.08 -2.77 -0.75
C PHE A 20 -3.56 -3.09 0.64
N ARG A 21 -4.23 -2.57 1.65
CA ARG A 21 -3.89 -2.88 3.04
C ARG A 21 -4.05 -4.37 3.31
N THR A 22 -4.88 -5.02 2.51
CA THR A 22 -5.10 -6.45 2.62
C THR A 22 -3.96 -7.23 1.95
N LEU A 23 -3.57 -6.78 0.75
CA LEU A 23 -2.47 -7.39 0.01
C LEU A 23 -1.21 -7.48 0.85
N ILE A 24 -0.96 -6.42 1.60
CA ILE A 24 0.25 -6.30 2.41
C ILE A 24 0.19 -7.22 3.63
N LYS A 25 -0.98 -7.73 3.94
CA LYS A 25 -1.13 -8.64 5.04
C LYS A 25 -0.60 -10.02 4.65
N SER A 26 -1.35 -10.76 3.86
CA SER A 26 -0.87 -12.06 3.44
C SER A 26 -0.75 -12.13 1.92
N GLY A 27 -1.66 -11.38 1.25
CA GLY A 27 -1.77 -11.08 -0.19
C GLY A 27 -0.91 -11.83 -1.18
N GLU A 28 0.34 -12.02 -0.78
CA GLU A 28 1.48 -12.40 -1.63
C GLU A 28 2.43 -11.22 -1.68
N LEU A 29 1.93 -10.05 -1.26
CA LEU A 29 2.70 -8.84 -1.27
C LEU A 29 2.96 -8.38 0.15
N ALA A 30 3.61 -9.25 0.91
CA ALA A 30 4.00 -8.93 2.27
C ALA A 30 5.04 -7.81 2.26
N PRO A 31 5.33 -7.17 3.40
CA PRO A 31 6.29 -6.08 3.44
C PRO A 31 7.70 -6.62 3.31
N GLY A 32 8.39 -6.16 2.28
CA GLY A 32 9.67 -6.72 1.92
C GLY A 32 9.65 -7.29 0.51
N ASP A 33 8.47 -7.33 -0.11
CA ASP A 33 8.34 -7.84 -1.47
C ASP A 33 8.06 -6.67 -2.42
N THR A 34 8.33 -6.86 -3.69
CA THR A 34 8.26 -5.78 -4.65
C THR A 34 6.90 -5.73 -5.36
N LEU A 35 6.47 -4.53 -5.72
CA LEU A 35 5.16 -4.30 -6.32
C LEU A 35 4.93 -5.15 -7.56
N PRO A 36 3.74 -5.75 -7.66
CA PRO A 36 3.30 -6.46 -8.86
C PRO A 36 2.83 -5.50 -9.96
N SER A 37 2.58 -6.05 -11.15
CA SER A 37 2.08 -5.26 -12.25
C SER A 37 0.63 -4.88 -12.00
N VAL A 38 0.17 -3.79 -12.65
CA VAL A 38 -1.19 -3.27 -12.46
C VAL A 38 -2.26 -4.33 -12.72
N ALA A 39 -1.89 -5.36 -13.47
CA ALA A 39 -2.81 -6.45 -13.80
C ALA A 39 -3.26 -7.21 -12.54
N ASP A 40 -2.33 -7.46 -11.63
CA ASP A 40 -2.66 -8.18 -10.39
C ASP A 40 -3.65 -7.38 -9.58
N ILE A 41 -3.32 -6.10 -9.36
CA ILE A 41 -4.18 -5.20 -8.65
C ILE A 41 -5.55 -5.13 -9.35
N ARG A 42 -5.54 -4.92 -10.66
CA ARG A 42 -6.75 -4.76 -11.49
C ARG A 42 -7.86 -5.79 -11.19
N ALA A 43 -7.49 -6.99 -10.84
CA ALA A 43 -8.49 -8.00 -10.52
C ALA A 43 -8.81 -8.06 -9.03
N GLN A 44 -7.80 -7.79 -8.22
CA GLN A 44 -7.97 -7.81 -6.78
C GLN A 44 -8.72 -6.57 -6.34
N PHE A 45 -8.30 -5.46 -6.89
CA PHE A 45 -9.00 -4.25 -6.71
C PHE A 45 -10.03 -4.18 -7.83
N GLY A 46 -11.27 -4.12 -7.45
CA GLY A 46 -12.34 -3.96 -8.45
C GLY A 46 -12.34 -2.56 -8.97
N VAL A 47 -11.19 -2.11 -9.46
CA VAL A 47 -10.93 -0.71 -9.64
C VAL A 47 -10.25 -0.50 -10.98
N ALA A 48 -10.11 0.75 -11.40
CA ALA A 48 -9.61 1.02 -12.75
C ALA A 48 -8.10 0.86 -12.77
N ALA A 49 -7.53 0.51 -13.91
CA ALA A 49 -6.13 0.10 -13.96
C ALA A 49 -5.21 1.30 -13.78
N LYS A 50 -5.80 2.49 -13.75
CA LYS A 50 -5.07 3.68 -13.41
C LYS A 50 -5.17 3.95 -11.90
N THR A 51 -6.22 3.43 -11.27
CA THR A 51 -6.52 3.76 -9.89
C THR A 51 -5.49 3.16 -8.93
N VAL A 52 -4.87 2.05 -9.32
CA VAL A 52 -3.80 1.46 -8.53
C VAL A 52 -2.66 2.45 -8.41
N SER A 53 -2.25 2.98 -9.55
CA SER A 53 -1.20 4.00 -9.61
C SER A 53 -1.60 5.27 -8.86
N ARG A 54 -2.89 5.40 -8.55
CA ARG A 54 -3.38 6.55 -7.79
C ARG A 54 -3.12 6.35 -6.31
N ALA A 55 -3.66 5.27 -5.75
CA ALA A 55 -3.49 4.96 -4.33
C ALA A 55 -2.03 4.68 -3.99
N LEU A 56 -1.25 4.25 -4.97
CA LEU A 56 0.19 4.02 -4.76
C LEU A 56 0.88 5.19 -4.08
N ALA A 57 0.50 6.41 -4.43
CA ALA A 57 1.09 7.61 -3.85
C ALA A 57 0.69 7.75 -2.38
N VAL A 58 -0.38 7.06 -2.01
CA VAL A 58 -0.82 7.02 -0.63
C VAL A 58 -0.17 5.82 0.07
N LEU A 59 0.12 4.78 -0.71
CA LEU A 59 0.62 3.52 -0.19
C LEU A 59 2.05 3.65 0.29
N LYS A 60 2.61 4.82 0.12
CA LYS A 60 3.92 5.09 0.68
C LYS A 60 3.84 5.08 2.20
N SER A 61 2.79 5.69 2.75
CA SER A 61 2.55 5.69 4.18
C SER A 61 1.59 4.56 4.53
N GLU A 62 0.67 4.34 3.61
CA GLU A 62 -0.48 3.47 3.81
C GLU A 62 -0.13 2.01 3.52
N GLY A 63 0.15 1.72 2.26
CA GLY A 63 0.42 0.36 1.83
C GLY A 63 1.85 -0.07 2.08
N LEU A 64 2.62 0.83 2.67
CA LEU A 64 3.98 0.54 3.13
C LEU A 64 5.00 0.41 1.97
N VAL A 65 4.86 1.21 0.92
CA VAL A 65 5.72 1.05 -0.27
C VAL A 65 6.66 2.24 -0.43
N SER A 66 7.82 1.98 -1.01
CA SER A 66 8.80 3.02 -1.27
C SER A 66 9.59 2.70 -2.53
N SER A 67 9.95 3.74 -3.28
CA SER A 67 10.80 3.59 -4.43
C SER A 67 12.20 3.16 -3.99
N ARG A 68 12.53 1.90 -4.23
CA ARG A 68 13.80 1.35 -3.80
C ARG A 68 14.65 0.99 -5.00
N GLY A 69 15.55 1.88 -5.37
CA GLY A 69 16.33 1.71 -6.58
C GLY A 69 17.42 0.66 -6.46
N ALA A 70 17.03 -0.52 -5.98
CA ALA A 70 17.94 -1.64 -5.86
C ALA A 70 17.18 -2.91 -6.19
N LEU A 71 16.19 -3.23 -5.38
CA LEU A 71 15.33 -4.38 -5.61
C LEU A 71 14.11 -3.97 -6.44
N GLY A 72 13.88 -2.67 -6.54
CA GLY A 72 12.74 -2.15 -7.28
C GLY A 72 11.74 -1.46 -6.38
N THR A 73 10.51 -1.31 -6.83
CA THR A 73 9.50 -0.67 -6.01
C THR A 73 8.97 -1.67 -4.97
N VAL A 74 9.74 -1.81 -3.91
CA VAL A 74 9.52 -2.83 -2.91
C VAL A 74 8.64 -2.29 -1.80
N VAL A 75 7.74 -3.09 -1.29
CA VAL A 75 6.84 -2.62 -0.27
C VAL A 75 7.48 -2.81 1.10
N GLU A 76 8.45 -1.97 1.43
CA GLU A 76 8.82 -1.72 2.81
C GLU A 76 9.26 -0.26 2.96
N LYS A 77 8.32 0.65 3.08
CA LYS A 77 8.69 2.02 3.38
C LYS A 77 8.52 2.35 4.84
N ASN A 78 7.30 2.72 5.17
CA ASN A 78 6.98 3.35 6.42
C ASN A 78 5.81 2.66 7.06
N PRO A 79 6.06 1.70 7.98
CA PRO A 79 5.00 1.05 8.72
C PRO A 79 4.00 2.05 9.24
N ILE A 80 2.74 1.85 8.85
CA ILE A 80 1.69 2.77 9.19
C ILE A 80 1.64 2.92 10.68
N VAL A 81 1.51 4.15 11.12
CA VAL A 81 1.43 4.47 12.55
C VAL A 81 0.31 3.68 13.25
N ILE A 82 0.60 2.43 13.53
CA ILE A 82 -0.30 1.57 14.29
C ILE A 82 0.30 1.23 15.64
N THR A 83 -0.23 1.82 16.67
CA THR A 83 0.18 1.51 18.04
C THR A 83 -1.03 0.99 18.81
N GLY A 84 -2.16 0.96 18.13
CA GLY A 84 -3.39 0.47 18.71
C GLY A 84 -4.39 0.09 17.65
N ALA A 85 -5.48 -0.54 18.04
CA ALA A 85 -6.50 -1.01 17.11
C ALA A 85 -7.41 0.13 16.67
N ASP A 86 -7.15 1.32 17.21
CA ASP A 86 -7.98 2.49 16.92
C ASP A 86 -7.67 3.06 15.54
N ARG A 87 -6.39 2.97 15.17
CA ARG A 87 -5.94 3.58 13.92
C ARG A 87 -6.41 2.77 12.72
N LEU A 88 -6.52 1.46 12.89
CA LEU A 88 -6.83 0.57 11.78
C LEU A 88 -8.30 0.17 11.77
N LYS A 89 -8.87 -0.11 12.93
CA LYS A 89 -10.23 -0.61 13.01
C LYS A 89 -11.23 0.54 13.20
N ARG A 90 -10.78 1.58 13.88
CA ARG A 90 -11.62 2.74 14.22
C ARG A 90 -12.73 2.36 15.20
N MET A 91 -12.63 2.86 16.42
CA MET A 91 -13.55 2.50 17.50
C MET A 91 -14.94 3.11 17.31
N GLU A 92 -15.12 3.88 16.24
CA GLU A 92 -16.42 4.46 15.93
C GLU A 92 -17.33 3.40 15.33
N LYS A 93 -16.75 2.56 14.49
CA LYS A 93 -17.52 1.61 13.71
C LYS A 93 -17.46 0.23 14.32
N ASN A 94 -18.34 -0.62 13.84
CA ASN A 94 -18.42 -1.99 14.33
C ASN A 94 -17.18 -2.78 13.92
N GLY A 95 -16.69 -3.59 14.85
CA GLY A 95 -15.52 -4.40 14.58
C GLY A 95 -15.90 -5.75 14.02
N MET A 96 -16.42 -5.76 12.80
CA MET A 96 -16.78 -7.01 12.14
C MET A 96 -15.58 -7.60 11.41
N ARG A 97 -15.73 -8.82 10.92
CA ARG A 97 -14.65 -9.53 10.27
C ARG A 97 -14.11 -8.78 9.06
N TYR A 98 -12.80 -8.64 9.01
CA TYR A 98 -12.12 -8.15 7.83
C TYR A 98 -11.28 -9.30 7.29
N ALA A 99 -10.78 -9.19 6.06
CA ALA A 99 -9.96 -10.24 5.46
C ALA A 99 -8.68 -10.44 6.26
N PRO A 100 -8.58 -11.55 7.01
CA PRO A 100 -7.48 -11.79 7.93
C PRO A 100 -6.33 -12.57 7.29
N GLY A 101 -6.52 -12.98 6.05
CA GLY A 101 -5.52 -13.74 5.36
C GLY A 101 -5.67 -13.66 3.86
N GLU A 102 -5.93 -12.46 3.36
CA GLU A 102 -6.06 -12.23 1.94
C GLU A 102 -4.96 -11.28 1.49
N MET A 3 -12.35 -17.48 -11.88
CA MET A 3 -12.26 -16.38 -10.92
C MET A 3 -13.24 -15.27 -11.30
N PRO A 4 -13.97 -14.73 -10.32
CA PRO A 4 -14.88 -13.62 -10.55
C PRO A 4 -14.11 -12.30 -10.61
N TYR A 5 -13.84 -11.83 -11.82
CA TYR A 5 -13.10 -10.59 -11.99
C TYR A 5 -13.99 -9.40 -11.63
N LYS A 6 -13.41 -8.40 -11.00
CA LYS A 6 -14.17 -7.27 -10.52
C LYS A 6 -13.95 -6.06 -11.41
N ALA A 7 -14.99 -5.25 -11.56
CA ALA A 7 -14.92 -4.03 -12.33
C ALA A 7 -15.14 -2.83 -11.41
N PRO A 8 -14.77 -1.61 -11.83
CA PRO A 8 -14.99 -0.41 -11.04
C PRO A 8 -16.44 0.04 -11.05
N GLU A 9 -17.18 -0.37 -10.01
CA GLU A 9 -18.58 -0.03 -9.86
C GLU A 9 -18.77 1.48 -9.68
N GLY A 10 -18.26 2.01 -8.58
CA GLY A 10 -18.36 3.44 -8.34
C GLY A 10 -17.38 3.90 -7.29
N LYS A 11 -16.11 3.60 -7.49
CA LYS A 11 -15.08 3.93 -6.51
C LYS A 11 -13.99 4.77 -7.14
N GLY A 12 -13.18 5.39 -6.29
CA GLY A 12 -12.00 6.07 -6.77
C GLY A 12 -10.75 5.31 -6.39
N TYR A 13 -9.71 6.04 -6.07
CA TYR A 13 -8.43 5.44 -5.69
C TYR A 13 -8.51 4.78 -4.31
N ALA A 14 -9.69 4.80 -3.71
CA ALA A 14 -9.87 4.27 -2.37
C ALA A 14 -9.95 2.74 -2.42
N ASP A 15 -10.24 2.22 -3.61
CA ASP A 15 -10.36 0.80 -3.81
C ASP A 15 -8.97 0.15 -3.80
N VAL A 16 -8.05 0.75 -4.55
CA VAL A 16 -6.69 0.22 -4.65
C VAL A 16 -5.93 0.41 -3.35
N ALA A 17 -6.23 1.48 -2.62
CA ALA A 17 -5.66 1.68 -1.29
C ALA A 17 -6.02 0.49 -0.40
N THR A 18 -7.29 0.10 -0.47
CA THR A 18 -7.78 -1.04 0.30
C THR A 18 -7.17 -2.35 -0.24
N HIS A 19 -6.97 -2.40 -1.55
CA HIS A 19 -6.34 -3.56 -2.19
C HIS A 19 -5.02 -3.91 -1.53
N PHE A 20 -4.13 -2.93 -1.44
CA PHE A 20 -2.82 -3.14 -0.84
C PHE A 20 -2.95 -3.39 0.66
N ARG A 21 -3.84 -2.66 1.30
CA ARG A 21 -4.08 -2.81 2.74
C ARG A 21 -4.57 -4.22 3.08
N THR A 22 -5.22 -4.87 2.13
CA THR A 22 -5.71 -6.22 2.34
C THR A 22 -4.58 -7.23 2.18
N LEU A 23 -3.70 -6.93 1.23
CA LEU A 23 -2.55 -7.79 0.93
C LEU A 23 -1.53 -7.75 2.05
N ILE A 24 -1.23 -6.54 2.52
CA ILE A 24 -0.26 -6.34 3.59
C ILE A 24 -0.80 -6.88 4.91
N LYS A 25 -2.12 -7.01 4.97
CA LYS A 25 -2.80 -7.37 6.19
C LYS A 25 -2.31 -8.69 6.77
N SER A 26 -2.49 -9.80 6.06
CA SER A 26 -2.29 -11.09 6.71
C SER A 26 -1.12 -11.90 6.16
N GLY A 27 -0.82 -11.80 4.87
CA GLY A 27 0.27 -12.61 4.34
C GLY A 27 0.61 -12.33 2.89
N GLU A 28 -0.40 -11.92 2.13
CA GLU A 28 -0.34 -11.93 0.67
C GLU A 28 0.80 -11.08 0.12
N LEU A 29 0.81 -9.81 0.46
CA LEU A 29 1.87 -8.94 0.00
C LEU A 29 2.90 -8.80 1.11
N ALA A 30 3.86 -9.70 1.08
CA ALA A 30 4.90 -9.75 2.10
C ALA A 30 6.02 -8.77 1.77
N PRO A 31 6.75 -8.28 2.78
CA PRO A 31 7.83 -7.34 2.57
C PRO A 31 9.09 -8.01 2.05
N GLY A 32 9.73 -7.37 1.08
CA GLY A 32 10.92 -7.93 0.47
C GLY A 32 10.72 -8.22 -1.01
N ASP A 33 9.47 -8.43 -1.40
CA ASP A 33 9.13 -8.70 -2.79
C ASP A 33 8.77 -7.39 -3.50
N THR A 34 8.80 -7.41 -4.82
CA THR A 34 8.49 -6.22 -5.60
C THR A 34 6.99 -5.99 -5.70
N LEU A 35 6.60 -4.77 -6.04
CA LEU A 35 5.20 -4.44 -6.26
C LEU A 35 4.66 -5.21 -7.46
N PRO A 36 3.38 -5.60 -7.41
CA PRO A 36 2.72 -6.31 -8.51
C PRO A 36 2.30 -5.36 -9.64
N SER A 37 1.87 -5.95 -10.75
CA SER A 37 1.40 -5.17 -11.89
C SER A 37 -0.01 -4.66 -11.64
N VAL A 38 -0.41 -3.62 -12.37
CA VAL A 38 -1.73 -3.01 -12.21
C VAL A 38 -2.86 -4.04 -12.33
N ALA A 39 -2.59 -5.11 -13.07
CA ALA A 39 -3.58 -6.17 -13.25
C ALA A 39 -3.90 -6.86 -11.94
N ASP A 40 -2.90 -7.00 -11.08
CA ASP A 40 -3.07 -7.69 -9.79
C ASP A 40 -3.93 -6.85 -8.85
N ILE A 41 -3.86 -5.54 -9.04
CA ILE A 41 -4.67 -4.62 -8.26
C ILE A 41 -6.10 -4.65 -8.80
N ARG A 42 -6.23 -4.51 -10.12
CA ARG A 42 -7.54 -4.41 -10.78
C ARG A 42 -8.36 -5.69 -10.70
N ALA A 43 -7.74 -6.82 -10.99
CA ALA A 43 -8.47 -8.08 -11.14
C ALA A 43 -9.10 -8.49 -9.83
N GLN A 44 -8.44 -8.18 -8.74
CA GLN A 44 -8.98 -8.40 -7.43
C GLN A 44 -9.87 -7.23 -7.05
N PHE A 45 -9.25 -6.08 -6.90
CA PHE A 45 -9.96 -4.84 -6.60
C PHE A 45 -10.28 -4.10 -7.89
N GLY A 46 -11.52 -4.21 -8.32
CA GLY A 46 -11.94 -3.69 -9.62
C GLY A 46 -11.67 -2.21 -9.80
N VAL A 47 -10.58 -1.91 -10.49
CA VAL A 47 -10.19 -0.52 -10.73
C VAL A 47 -9.64 -0.34 -12.15
N ALA A 48 -9.26 0.89 -12.46
CA ALA A 48 -8.59 1.18 -13.72
C ALA A 48 -7.08 1.24 -13.49
N ALA A 49 -6.32 1.42 -14.55
CA ALA A 49 -4.87 1.42 -14.44
C ALA A 49 -4.37 2.73 -13.87
N LYS A 50 -5.13 3.80 -14.07
CA LYS A 50 -4.80 5.08 -13.47
C LYS A 50 -5.22 5.10 -12.01
N THR A 51 -6.27 4.35 -11.71
CA THR A 51 -6.77 4.25 -10.34
C THR A 51 -5.73 3.63 -9.42
N VAL A 52 -5.09 2.56 -9.90
CA VAL A 52 -4.03 1.90 -9.15
C VAL A 52 -2.93 2.87 -8.78
N SER A 53 -2.34 3.49 -9.79
CA SER A 53 -1.20 4.38 -9.61
C SER A 53 -1.59 5.67 -8.88
N ARG A 54 -2.89 5.84 -8.65
CA ARG A 54 -3.37 7.05 -8.00
C ARG A 54 -3.13 6.97 -6.49
N ALA A 55 -3.54 5.88 -5.87
CA ALA A 55 -3.46 5.75 -4.42
C ALA A 55 -2.15 5.13 -3.96
N LEU A 56 -1.34 4.62 -4.88
CA LEU A 56 -0.02 4.11 -4.52
C LEU A 56 0.78 5.16 -3.73
N ALA A 57 0.53 6.43 -4.01
CA ALA A 57 1.20 7.52 -3.31
C ALA A 57 0.80 7.54 -1.83
N VAL A 58 -0.42 7.10 -1.56
CA VAL A 58 -0.92 6.99 -0.19
C VAL A 58 -0.39 5.70 0.44
N LEU A 59 -0.19 4.70 -0.43
CA LEU A 59 0.17 3.36 -0.01
C LEU A 59 1.62 3.27 0.40
N LYS A 60 2.31 4.40 0.34
CA LYS A 60 3.66 4.47 0.87
C LYS A 60 3.62 4.29 2.38
N SER A 61 2.85 5.14 3.06
CA SER A 61 2.76 5.11 4.51
C SER A 61 1.59 4.25 4.95
N GLU A 62 0.53 4.29 4.14
CA GLU A 62 -0.69 3.56 4.42
C GLU A 62 -0.52 2.07 4.07
N GLY A 63 -0.06 1.82 2.85
CA GLY A 63 0.04 0.46 2.36
C GLY A 63 1.38 -0.17 2.65
N LEU A 64 2.31 0.62 3.17
CA LEU A 64 3.64 0.14 3.53
C LEU A 64 4.41 -0.39 2.32
N VAL A 65 4.75 0.51 1.40
CA VAL A 65 5.58 0.18 0.24
C VAL A 65 6.64 1.25 0.03
N SER A 66 7.67 0.94 -0.74
CA SER A 66 8.73 1.91 -0.98
C SER A 66 9.28 1.78 -2.39
N SER A 67 9.34 2.91 -3.10
CA SER A 67 9.91 2.94 -4.43
C SER A 67 11.44 2.96 -4.31
N ARG A 68 12.02 1.78 -4.35
CA ARG A 68 13.45 1.63 -4.16
C ARG A 68 14.17 1.82 -5.48
N GLY A 69 14.76 3.00 -5.66
CA GLY A 69 15.45 3.32 -6.91
C GLY A 69 16.79 2.62 -7.03
N ALA A 70 16.78 1.32 -6.81
CA ALA A 70 17.95 0.48 -6.91
C ALA A 70 17.52 -0.96 -7.07
N LEU A 71 16.80 -1.45 -6.07
CA LEU A 71 16.28 -2.82 -6.09
C LEU A 71 14.96 -2.88 -6.86
N GLY A 72 14.37 -1.72 -7.06
CA GLY A 72 13.11 -1.65 -7.77
C GLY A 72 11.97 -1.28 -6.85
N THR A 73 10.77 -1.17 -7.39
CA THR A 73 9.63 -0.79 -6.58
C THR A 73 9.20 -1.99 -5.73
N VAL A 74 9.62 -2.00 -4.47
CA VAL A 74 9.45 -3.16 -3.62
C VAL A 74 8.56 -2.86 -2.44
N VAL A 75 8.02 -3.91 -1.87
CA VAL A 75 7.24 -3.80 -0.66
C VAL A 75 8.15 -3.83 0.55
N GLU A 76 8.55 -2.67 1.03
CA GLU A 76 9.29 -2.59 2.29
C GLU A 76 8.36 -2.14 3.38
N LYS A 77 8.65 -2.54 4.60
CA LYS A 77 7.87 -2.08 5.74
C LYS A 77 8.13 -0.59 5.96
N ASN A 78 7.34 0.25 5.29
CA ASN A 78 7.41 1.68 5.47
C ASN A 78 6.36 2.09 6.47
N PRO A 79 6.77 2.22 7.73
CA PRO A 79 5.85 2.52 8.81
C PRO A 79 5.05 3.79 8.56
N ILE A 80 3.86 3.80 9.13
CA ILE A 80 2.93 4.88 9.00
C ILE A 80 3.56 6.19 9.43
N VAL A 81 3.87 7.00 8.44
CA VAL A 81 4.50 8.30 8.64
C VAL A 81 5.91 8.14 9.22
N ILE A 82 6.81 7.67 8.38
CA ILE A 82 8.22 7.57 8.75
C ILE A 82 9.09 8.48 7.90
N THR A 83 9.91 9.27 8.56
CA THR A 83 10.97 10.00 7.89
C THR A 83 12.25 9.16 7.92
N GLY A 84 13.11 9.35 6.95
CA GLY A 84 14.29 8.53 6.85
C GLY A 84 15.38 8.96 7.81
N ALA A 85 15.79 8.05 8.68
CA ALA A 85 16.92 8.30 9.57
C ALA A 85 18.19 7.73 8.96
N ASP A 86 18.14 6.45 8.64
CA ASP A 86 19.25 5.79 7.93
C ASP A 86 18.88 5.64 6.46
N ARG A 87 17.60 5.84 6.18
CA ARG A 87 17.09 5.79 4.81
C ARG A 87 17.32 7.13 4.11
N LEU A 88 17.79 8.11 4.87
CA LEU A 88 18.08 9.43 4.33
C LEU A 88 19.57 9.58 4.10
N LYS A 89 19.96 9.74 2.84
CA LYS A 89 21.36 9.93 2.49
C LYS A 89 21.73 11.39 2.63
N ARG A 90 22.82 11.66 3.32
CA ARG A 90 23.31 13.02 3.47
C ARG A 90 24.11 13.42 2.25
N MET A 91 24.74 14.59 2.29
CA MET A 91 25.50 15.09 1.15
C MET A 91 26.97 14.77 1.34
N GLU A 92 27.49 15.16 2.49
CA GLU A 92 28.90 15.03 2.80
C GLU A 92 29.29 13.58 3.05
N LYS A 93 28.38 12.83 3.66
CA LYS A 93 28.66 11.45 4.03
C LYS A 93 27.86 10.49 3.15
N ASN A 94 28.53 9.90 2.18
CA ASN A 94 27.91 8.89 1.34
C ASN A 94 28.44 7.51 1.73
N GLY A 95 27.66 6.79 2.53
CA GLY A 95 28.01 5.44 2.89
C GLY A 95 27.42 4.44 1.94
N MET A 96 26.32 4.82 1.31
CA MET A 96 25.62 3.98 0.37
C MET A 96 25.88 4.50 -1.05
N ARG A 97 25.46 3.74 -2.05
CA ARG A 97 25.62 4.17 -3.43
C ARG A 97 24.71 5.36 -3.76
N TYR A 98 25.08 6.06 -4.82
CA TYR A 98 24.31 7.21 -5.30
C TYR A 98 24.10 7.09 -6.79
N ALA A 99 23.20 7.90 -7.32
CA ALA A 99 22.92 7.90 -8.75
C ALA A 99 23.96 8.73 -9.50
N PRO A 100 24.81 8.09 -10.29
CA PRO A 100 25.89 8.76 -11.01
C PRO A 100 25.43 9.26 -12.38
N GLY A 101 24.14 9.55 -12.48
CA GLY A 101 23.56 10.00 -13.72
C GLY A 101 22.07 9.75 -13.73
N GLU A 102 21.68 8.54 -13.34
CA GLU A 102 20.27 8.15 -13.21
C GLU A 102 19.53 8.39 -14.52
N MET A 3 -11.30 -16.01 -15.49
CA MET A 3 -12.28 -15.18 -14.74
C MET A 3 -12.27 -13.75 -15.25
N PRO A 4 -13.46 -13.20 -15.58
CA PRO A 4 -13.59 -11.82 -16.03
C PRO A 4 -13.21 -10.81 -14.94
N TYR A 5 -12.57 -9.73 -15.34
CA TYR A 5 -12.09 -8.71 -14.39
C TYR A 5 -13.24 -7.89 -13.82
N LYS A 6 -13.02 -7.32 -12.65
CA LYS A 6 -14.03 -6.51 -11.98
C LYS A 6 -13.97 -5.08 -12.50
N ALA A 7 -15.12 -4.50 -12.79
CA ALA A 7 -15.18 -3.13 -13.30
C ALA A 7 -15.44 -2.12 -12.18
N PRO A 8 -14.94 -0.89 -12.33
CA PRO A 8 -15.15 0.18 -11.36
C PRO A 8 -16.53 0.81 -11.49
N GLU A 9 -17.32 0.70 -10.44
CA GLU A 9 -18.70 1.17 -10.45
C GLU A 9 -18.81 2.53 -9.79
N GLY A 10 -18.73 2.56 -8.47
CA GLY A 10 -18.90 3.79 -7.72
C GLY A 10 -17.76 4.04 -6.76
N LYS A 11 -16.59 3.55 -7.12
CA LYS A 11 -15.40 3.71 -6.29
C LYS A 11 -14.36 4.54 -7.02
N GLY A 12 -13.46 5.16 -6.27
CA GLY A 12 -12.43 5.97 -6.87
C GLY A 12 -11.06 5.38 -6.62
N TYR A 13 -10.30 6.04 -5.76
CA TYR A 13 -9.01 5.54 -5.33
C TYR A 13 -9.04 4.76 -4.01
N ALA A 14 -10.15 4.83 -3.28
CA ALA A 14 -10.20 4.32 -1.91
C ALA A 14 -10.34 2.80 -1.90
N ASP A 15 -10.27 2.22 -3.08
CA ASP A 15 -10.37 0.79 -3.25
C ASP A 15 -9.00 0.13 -3.21
N VAL A 16 -8.07 0.60 -4.02
CA VAL A 16 -6.78 -0.09 -4.14
C VAL A 16 -5.98 0.03 -2.85
N ALA A 17 -6.13 1.18 -2.19
CA ALA A 17 -5.58 1.35 -0.84
C ALA A 17 -6.10 0.27 0.10
N THR A 18 -7.40 0.00 0.03
CA THR A 18 -8.01 -1.05 0.84
C THR A 18 -7.46 -2.42 0.43
N HIS A 19 -7.26 -2.62 -0.86
CA HIS A 19 -6.66 -3.86 -1.38
C HIS A 19 -5.29 -4.09 -0.75
N PHE A 20 -4.46 -3.05 -0.75
CA PHE A 20 -3.12 -3.14 -0.20
C PHE A 20 -3.15 -3.33 1.31
N ARG A 21 -4.07 -2.62 1.98
CA ARG A 21 -4.24 -2.75 3.43
C ARG A 21 -4.53 -4.18 3.84
N THR A 22 -5.13 -4.95 2.94
CA THR A 22 -5.48 -6.33 3.25
C THR A 22 -4.29 -7.26 3.00
N LEU A 23 -3.75 -7.19 1.80
CA LEU A 23 -2.72 -8.14 1.37
C LEU A 23 -1.35 -7.84 1.99
N ILE A 24 -1.22 -6.68 2.61
CA ILE A 24 0.04 -6.29 3.22
C ILE A 24 0.36 -7.20 4.42
N LYS A 25 -0.66 -7.50 5.23
CA LYS A 25 -0.49 -8.41 6.36
C LYS A 25 -0.82 -9.84 5.94
N SER A 26 -1.47 -9.97 4.79
CA SER A 26 -1.89 -11.26 4.25
C SER A 26 -0.76 -11.90 3.45
N GLY A 27 0.47 -11.53 3.82
CA GLY A 27 1.70 -11.83 3.07
C GLY A 27 1.55 -12.11 1.57
N GLU A 28 0.51 -11.57 0.95
CA GLU A 28 0.37 -11.61 -0.50
C GLU A 28 1.42 -10.68 -1.09
N LEU A 29 1.67 -9.59 -0.38
CA LEU A 29 2.82 -8.74 -0.62
C LEU A 29 3.63 -8.65 0.65
N ALA A 30 4.61 -9.53 0.79
CA ALA A 30 5.46 -9.56 1.96
C ALA A 30 6.54 -8.49 1.84
N PRO A 31 7.22 -8.13 2.94
CA PRO A 31 8.24 -7.11 2.90
C PRO A 31 9.51 -7.64 2.27
N GLY A 32 9.97 -6.98 1.23
CA GLY A 32 11.04 -7.52 0.40
C GLY A 32 10.51 -7.93 -0.95
N ASP A 33 9.20 -8.11 -1.02
CA ASP A 33 8.50 -8.36 -2.29
C ASP A 33 8.08 -7.01 -2.84
N THR A 34 7.73 -6.94 -4.10
CA THR A 34 7.47 -5.64 -4.71
C THR A 34 6.02 -5.36 -5.00
N LEU A 35 5.82 -4.07 -5.16
CA LEU A 35 4.62 -3.50 -5.69
C LEU A 35 4.37 -4.09 -7.07
N PRO A 36 3.34 -4.93 -7.19
CA PRO A 36 3.05 -5.70 -8.39
C PRO A 36 2.48 -4.86 -9.51
N SER A 37 2.31 -5.51 -10.65
CA SER A 37 1.75 -4.86 -11.82
C SER A 37 0.31 -4.45 -11.54
N VAL A 38 -0.18 -3.46 -12.30
CA VAL A 38 -1.53 -2.95 -12.13
C VAL A 38 -2.56 -4.07 -12.22
N ALA A 39 -2.17 -5.20 -12.82
CA ALA A 39 -3.04 -6.34 -13.01
C ALA A 39 -3.68 -6.82 -11.71
N ASP A 40 -2.88 -7.07 -10.67
CA ASP A 40 -3.38 -7.60 -9.40
C ASP A 40 -4.41 -6.67 -8.79
N ILE A 41 -4.00 -5.42 -8.65
CA ILE A 41 -4.87 -4.38 -8.12
C ILE A 41 -6.15 -4.28 -8.96
N ARG A 42 -5.97 -4.12 -10.27
CA ARG A 42 -7.07 -3.85 -11.20
C ARG A 42 -8.07 -5.00 -11.32
N ALA A 43 -7.56 -6.22 -11.34
CA ALA A 43 -8.40 -7.38 -11.59
C ALA A 43 -9.23 -7.75 -10.39
N GLN A 44 -8.60 -7.80 -9.22
CA GLN A 44 -9.30 -8.14 -8.00
C GLN A 44 -10.14 -6.97 -7.52
N PHE A 45 -9.50 -5.83 -7.32
CA PHE A 45 -10.21 -4.63 -6.97
C PHE A 45 -10.56 -3.86 -8.22
N GLY A 46 -11.84 -3.95 -8.58
CA GLY A 46 -12.36 -3.33 -9.80
C GLY A 46 -12.00 -1.87 -9.96
N VAL A 47 -10.83 -1.65 -10.55
CA VAL A 47 -10.35 -0.32 -10.87
C VAL A 47 -9.72 -0.35 -12.25
N ALA A 48 -9.27 0.79 -12.73
CA ALA A 48 -8.52 0.83 -13.98
C ALA A 48 -7.04 0.84 -13.67
N ALA A 49 -6.20 0.86 -14.70
CA ALA A 49 -4.76 0.81 -14.49
C ALA A 49 -4.27 2.19 -14.04
N LYS A 50 -4.92 3.23 -14.54
CA LYS A 50 -4.60 4.59 -14.13
C LYS A 50 -5.01 4.80 -12.68
N THR A 51 -6.13 4.20 -12.29
CA THR A 51 -6.60 4.29 -10.93
C THR A 51 -5.60 3.60 -9.98
N VAL A 52 -5.26 2.34 -10.25
CA VAL A 52 -4.24 1.64 -9.45
C VAL A 52 -3.07 2.55 -9.11
N SER A 53 -2.52 3.16 -10.14
CA SER A 53 -1.36 4.05 -10.03
C SER A 53 -1.64 5.27 -9.14
N ARG A 54 -2.87 5.80 -9.15
CA ARG A 54 -3.11 7.09 -8.51
C ARG A 54 -3.08 7.00 -6.98
N ALA A 55 -3.46 5.87 -6.39
CA ALA A 55 -3.31 5.69 -4.95
C ALA A 55 -1.97 5.04 -4.60
N LEU A 56 -1.19 4.64 -5.60
CA LEU A 56 0.14 4.08 -5.35
C LEU A 56 1.01 5.08 -4.58
N ALA A 57 0.83 6.36 -4.88
CA ALA A 57 1.53 7.42 -4.17
C ALA A 57 1.04 7.52 -2.72
N VAL A 58 -0.11 6.96 -2.45
CA VAL A 58 -0.65 6.90 -1.10
C VAL A 58 -0.18 5.62 -0.41
N LEU A 59 0.04 4.58 -1.21
CA LEU A 59 0.37 3.26 -0.72
C LEU A 59 1.80 3.20 -0.20
N LYS A 60 2.47 4.33 -0.22
CA LYS A 60 3.77 4.42 0.40
C LYS A 60 3.61 4.63 1.91
N SER A 61 2.67 5.49 2.29
CA SER A 61 2.41 5.77 3.69
C SER A 61 1.29 4.88 4.20
N GLU A 62 0.28 4.72 3.36
CA GLU A 62 -0.94 4.00 3.68
C GLU A 62 -0.80 2.52 3.32
N GLY A 63 -0.07 2.25 2.24
CA GLY A 63 0.13 0.89 1.78
C GLY A 63 1.37 0.24 2.38
N LEU A 64 2.18 1.07 3.05
CA LEU A 64 3.33 0.59 3.83
C LEU A 64 4.56 0.23 2.98
N VAL A 65 4.56 0.62 1.71
CA VAL A 65 5.65 0.23 0.81
C VAL A 65 6.63 1.38 0.66
N SER A 66 7.88 1.09 0.33
CA SER A 66 8.93 2.08 0.52
C SER A 66 9.76 2.29 -0.73
N SER A 67 10.73 3.21 -0.62
CA SER A 67 11.67 3.49 -1.69
C SER A 67 12.32 2.19 -2.13
N ARG A 68 12.18 1.88 -3.41
CA ARG A 68 12.51 0.58 -3.92
C ARG A 68 13.99 0.27 -3.80
N GLY A 69 14.31 -1.02 -3.93
CA GLY A 69 15.68 -1.46 -4.04
C GLY A 69 16.42 -0.60 -5.05
N ALA A 70 16.03 -0.73 -6.30
CA ALA A 70 16.46 0.17 -7.36
C ALA A 70 15.50 0.06 -8.54
N LEU A 71 14.74 -1.02 -8.53
CA LEU A 71 13.89 -1.43 -9.66
C LEU A 71 12.48 -0.89 -9.51
N GLY A 72 12.01 -0.93 -8.28
CA GLY A 72 10.60 -0.73 -8.00
C GLY A 72 10.12 -1.61 -6.87
N THR A 73 11.01 -2.48 -6.38
CA THR A 73 10.64 -3.49 -5.43
C THR A 73 10.95 -3.10 -4.01
N VAL A 74 9.99 -2.50 -3.31
CA VAL A 74 9.99 -2.55 -1.86
C VAL A 74 8.60 -2.45 -1.27
N VAL A 75 8.02 -3.60 -0.97
CA VAL A 75 6.93 -3.66 -0.03
C VAL A 75 7.51 -3.85 1.35
N GLU A 76 7.08 -3.04 2.30
CA GLU A 76 7.49 -3.19 3.69
C GLU A 76 6.27 -3.10 4.58
N LYS A 77 6.43 -3.51 5.81
CA LYS A 77 5.42 -3.20 6.80
C LYS A 77 5.73 -1.81 7.36
N ASN A 78 5.96 -0.85 6.45
CA ASN A 78 6.45 0.48 6.83
C ASN A 78 5.48 1.59 6.46
N PRO A 79 4.60 1.96 7.37
CA PRO A 79 3.76 3.13 7.20
C PRO A 79 4.58 4.38 7.47
N ILE A 80 4.76 5.22 6.46
CA ILE A 80 5.60 6.40 6.63
C ILE A 80 4.89 7.40 7.52
N VAL A 81 5.29 7.42 8.80
CA VAL A 81 4.74 8.36 9.79
C VAL A 81 3.26 8.66 9.53
N ILE A 82 2.48 7.62 9.22
CA ILE A 82 1.13 7.82 8.75
C ILE A 82 0.26 8.28 9.93
N THR A 83 -0.08 9.55 9.93
CA THR A 83 -0.80 10.14 11.04
C THR A 83 -2.29 9.94 10.89
N GLY A 84 -2.85 10.44 9.80
CA GLY A 84 -4.27 10.31 9.57
C GLY A 84 -4.63 10.40 8.11
N ALA A 85 -5.29 9.37 7.62
CA ALA A 85 -5.78 9.36 6.25
C ALA A 85 -7.25 9.78 6.24
N ASP A 86 -7.85 9.80 7.42
CA ASP A 86 -9.26 10.14 7.58
C ASP A 86 -9.44 11.64 7.66
N ARG A 87 -8.32 12.37 7.66
CA ARG A 87 -8.35 13.82 7.64
C ARG A 87 -9.04 14.31 6.36
N LEU A 88 -8.87 13.55 5.29
CA LEU A 88 -9.48 13.88 4.02
C LEU A 88 -10.90 13.32 3.97
N LYS A 89 -11.76 13.97 3.21
CA LYS A 89 -13.14 13.53 3.08
C LYS A 89 -13.22 12.17 2.42
N ARG A 90 -13.67 11.18 3.17
CA ARG A 90 -13.86 9.84 2.65
C ARG A 90 -15.15 9.80 1.82
N MET A 91 -15.65 8.62 1.51
CA MET A 91 -16.90 8.50 0.76
C MET A 91 -18.07 9.01 1.61
N GLU A 92 -17.84 9.10 2.90
CA GLU A 92 -18.85 9.58 3.84
C GLU A 92 -19.16 11.05 3.58
N LYS A 93 -18.15 11.90 3.65
CA LYS A 93 -18.34 13.32 3.40
C LYS A 93 -18.38 13.62 1.90
N ASN A 94 -19.58 13.85 1.40
CA ASN A 94 -19.78 14.22 0.01
C ASN A 94 -19.46 15.70 -0.17
N GLY A 95 -18.27 15.99 -0.69
CA GLY A 95 -17.87 17.36 -0.91
C GLY A 95 -18.23 17.81 -2.31
N MET A 96 -18.68 19.06 -2.44
CA MET A 96 -19.06 19.59 -3.74
C MET A 96 -17.88 20.25 -4.41
N ARG A 97 -16.92 19.43 -4.81
CA ARG A 97 -15.75 19.87 -5.55
C ARG A 97 -15.02 18.66 -6.12
N TYR A 98 -14.68 18.74 -7.39
CA TYR A 98 -14.02 17.64 -8.05
C TYR A 98 -12.61 18.05 -8.46
N ALA A 99 -11.73 17.08 -8.63
CA ALA A 99 -10.44 17.31 -9.23
C ALA A 99 -10.50 16.90 -10.70
N PRO A 100 -10.59 17.88 -11.61
CA PRO A 100 -10.76 17.62 -13.03
C PRO A 100 -9.45 17.37 -13.76
N GLY A 101 -8.39 17.17 -12.98
CA GLY A 101 -7.09 16.94 -13.54
C GLY A 101 -6.25 16.01 -12.69
N GLU A 102 -6.54 14.72 -12.78
CA GLU A 102 -5.79 13.70 -12.05
C GLU A 102 -4.91 12.92 -13.02
N MET A 3 -11.61 -15.44 -17.17
CA MET A 3 -11.63 -14.57 -15.97
C MET A 3 -12.53 -13.36 -16.18
N PRO A 4 -13.50 -13.17 -15.28
CA PRO A 4 -14.37 -12.00 -15.32
C PRO A 4 -13.70 -10.78 -14.66
N TYR A 5 -13.51 -9.74 -15.44
CA TYR A 5 -12.82 -8.55 -14.98
C TYR A 5 -13.71 -7.76 -14.02
N LYS A 6 -13.16 -7.45 -12.85
CA LYS A 6 -13.87 -6.66 -11.87
C LYS A 6 -13.66 -5.18 -12.15
N ALA A 7 -14.74 -4.48 -12.45
CA ALA A 7 -14.67 -3.07 -12.80
C ALA A 7 -14.71 -2.20 -11.54
N PRO A 8 -14.40 -0.90 -11.66
CA PRO A 8 -14.46 0.02 -10.54
C PRO A 8 -15.91 0.40 -10.23
N GLU A 9 -16.50 -0.36 -9.32
CA GLU A 9 -17.90 -0.20 -8.95
C GLU A 9 -18.13 1.06 -8.12
N GLY A 10 -18.08 2.21 -8.79
CA GLY A 10 -18.32 3.48 -8.12
C GLY A 10 -17.22 3.83 -7.14
N LYS A 11 -16.08 3.17 -7.26
CA LYS A 11 -14.97 3.38 -6.36
C LYS A 11 -13.71 3.74 -7.16
N GLY A 12 -12.86 4.56 -6.56
CA GLY A 12 -11.64 4.96 -7.21
C GLY A 12 -10.42 4.40 -6.51
N TYR A 13 -9.39 5.23 -6.38
CA TYR A 13 -8.10 4.80 -5.84
C TYR A 13 -8.20 4.46 -4.35
N ALA A 14 -9.33 4.77 -3.74
CA ALA A 14 -9.47 4.61 -2.31
C ALA A 14 -9.74 3.15 -1.97
N ASP A 15 -10.14 2.37 -2.98
CA ASP A 15 -10.38 0.96 -2.77
C ASP A 15 -9.06 0.23 -2.66
N VAL A 16 -8.18 0.46 -3.63
CA VAL A 16 -6.88 -0.20 -3.63
C VAL A 16 -6.00 0.30 -2.50
N ALA A 17 -6.15 1.57 -2.16
CA ALA A 17 -5.46 2.14 -1.01
C ALA A 17 -5.73 1.32 0.24
N THR A 18 -7.02 1.08 0.52
CA THR A 18 -7.41 0.31 1.68
C THR A 18 -7.15 -1.18 1.47
N HIS A 19 -7.34 -1.66 0.25
CA HIS A 19 -7.18 -3.08 -0.04
C HIS A 19 -5.71 -3.50 0.05
N PHE A 20 -4.79 -2.62 -0.36
CA PHE A 20 -3.37 -2.91 -0.26
C PHE A 20 -2.96 -3.01 1.20
N ARG A 21 -3.45 -2.07 2.01
CA ARG A 21 -3.20 -2.05 3.44
C ARG A 21 -3.56 -3.38 4.08
N THR A 22 -4.48 -4.09 3.46
CA THR A 22 -4.91 -5.39 3.95
C THR A 22 -4.01 -6.45 3.34
N LEU A 23 -3.97 -6.42 2.01
CA LEU A 23 -3.24 -7.35 1.17
C LEU A 23 -1.75 -7.49 1.56
N ILE A 24 -1.17 -6.47 2.17
CA ILE A 24 0.19 -6.54 2.70
C ILE A 24 0.35 -7.81 3.57
N LYS A 25 -0.46 -7.93 4.61
CA LYS A 25 -0.43 -9.11 5.47
C LYS A 25 -1.46 -10.15 5.04
N SER A 26 -2.54 -9.69 4.45
CA SER A 26 -3.69 -10.53 4.15
C SER A 26 -3.74 -10.90 2.67
N GLY A 27 -2.60 -10.97 2.00
CA GLY A 27 -2.61 -11.28 0.59
C GLY A 27 -1.25 -11.66 0.07
N GLU A 28 -0.40 -12.06 1.01
CA GLU A 28 0.87 -12.72 0.72
C GLU A 28 1.85 -11.81 -0.02
N LEU A 29 1.53 -10.53 -0.11
CA LEU A 29 2.50 -9.57 -0.57
C LEU A 29 3.37 -9.15 0.60
N ALA A 30 4.02 -10.13 1.18
CA ALA A 30 4.89 -9.92 2.32
C ALA A 30 6.04 -8.98 1.92
N PRO A 31 6.70 -8.35 2.89
CA PRO A 31 7.70 -7.32 2.61
C PRO A 31 9.01 -7.91 2.08
N GLY A 32 9.54 -7.26 1.06
CA GLY A 32 10.73 -7.75 0.41
C GLY A 32 10.48 -8.08 -1.04
N ASP A 33 9.21 -8.25 -1.39
CA ASP A 33 8.84 -8.62 -2.75
C ASP A 33 8.49 -7.36 -3.53
N THR A 34 8.53 -7.44 -4.85
CA THR A 34 8.25 -6.29 -5.68
C THR A 34 6.75 -6.05 -5.79
N LEU A 35 6.37 -4.87 -6.25
CA LEU A 35 4.97 -4.60 -6.56
C LEU A 35 4.53 -5.50 -7.70
N PRO A 36 3.30 -6.00 -7.64
CA PRO A 36 2.75 -6.84 -8.69
C PRO A 36 2.29 -6.02 -9.89
N SER A 37 2.09 -6.68 -11.01
CA SER A 37 1.66 -6.02 -12.22
C SER A 37 0.26 -5.43 -12.06
N VAL A 38 0.06 -4.23 -12.59
CA VAL A 38 -1.19 -3.48 -12.41
C VAL A 38 -2.43 -4.31 -12.77
N ALA A 39 -2.27 -5.27 -13.66
CA ALA A 39 -3.38 -6.14 -14.06
C ALA A 39 -3.94 -6.92 -12.87
N ASP A 40 -3.05 -7.37 -11.97
CA ASP A 40 -3.48 -8.19 -10.83
C ASP A 40 -4.33 -7.36 -9.88
N ILE A 41 -3.81 -6.17 -9.56
CA ILE A 41 -4.50 -5.27 -8.65
C ILE A 41 -5.90 -4.98 -9.14
N ARG A 42 -6.02 -4.61 -10.41
CA ARG A 42 -7.31 -4.18 -10.96
C ARG A 42 -8.18 -5.37 -11.35
N ALA A 43 -7.61 -6.57 -11.33
CA ALA A 43 -8.38 -7.77 -11.60
C ALA A 43 -9.04 -8.27 -10.31
N GLN A 44 -8.31 -8.17 -9.21
CA GLN A 44 -8.86 -8.56 -7.92
C GLN A 44 -9.57 -7.39 -7.28
N PHE A 45 -8.82 -6.33 -7.08
CA PHE A 45 -9.34 -5.12 -6.50
C PHE A 45 -9.84 -4.23 -7.62
N GLY A 46 -11.06 -4.53 -8.06
CA GLY A 46 -11.69 -3.85 -9.19
C GLY A 46 -11.44 -2.35 -9.27
N VAL A 47 -10.39 -1.99 -10.01
CA VAL A 47 -10.05 -0.59 -10.27
C VAL A 47 -9.62 -0.45 -11.73
N ALA A 48 -9.29 0.76 -12.15
CA ALA A 48 -8.79 0.97 -13.50
C ALA A 48 -7.28 0.77 -13.53
N ALA A 49 -6.67 1.02 -14.68
CA ALA A 49 -5.24 0.75 -14.86
C ALA A 49 -4.39 1.82 -14.19
N LYS A 50 -4.92 3.04 -14.11
CA LYS A 50 -4.21 4.13 -13.47
C LYS A 50 -4.57 4.19 -11.98
N THR A 51 -5.70 3.62 -11.64
CA THR A 51 -6.22 3.69 -10.27
C THR A 51 -5.30 2.98 -9.28
N VAL A 52 -4.68 1.89 -9.74
CA VAL A 52 -3.72 1.16 -8.93
C VAL A 52 -2.58 2.08 -8.48
N SER A 53 -1.90 2.66 -9.46
CA SER A 53 -0.77 3.55 -9.21
C SER A 53 -1.20 4.83 -8.51
N ARG A 54 -2.50 5.10 -8.49
CA ARG A 54 -3.02 6.31 -7.88
C ARG A 54 -3.03 6.16 -6.35
N ALA A 55 -3.41 4.98 -5.89
CA ALA A 55 -3.40 4.68 -4.47
C ALA A 55 -1.99 4.47 -3.95
N LEU A 56 -1.11 3.97 -4.81
CA LEU A 56 0.30 3.73 -4.43
C LEU A 56 0.94 4.98 -3.82
N ALA A 57 0.48 6.16 -4.23
CA ALA A 57 1.01 7.41 -3.70
C ALA A 57 0.61 7.61 -2.24
N VAL A 58 -0.48 6.97 -1.85
CA VAL A 58 -0.94 7.00 -0.47
C VAL A 58 -0.29 5.85 0.30
N LEU A 59 0.10 4.83 -0.43
CA LEU A 59 0.70 3.64 0.16
C LEU A 59 2.07 3.94 0.73
N LYS A 60 2.67 5.04 0.29
CA LYS A 60 3.98 5.44 0.78
C LYS A 60 3.98 5.52 2.30
N SER A 61 3.11 6.37 2.82
CA SER A 61 3.07 6.60 4.26
C SER A 61 2.03 5.69 4.92
N GLU A 62 0.90 5.55 4.26
CA GLU A 62 -0.24 4.85 4.83
C GLU A 62 -0.29 3.37 4.45
N GLY A 63 -0.27 3.08 3.15
CA GLY A 63 -0.51 1.72 2.68
C GLY A 63 0.66 0.78 2.89
N LEU A 64 1.80 1.35 3.27
CA LEU A 64 3.03 0.61 3.53
C LEU A 64 3.64 0.05 2.24
N VAL A 65 4.34 0.90 1.52
CA VAL A 65 5.08 0.51 0.34
C VAL A 65 6.40 1.27 0.34
N SER A 66 7.37 0.78 -0.41
CA SER A 66 8.64 1.46 -0.52
C SER A 66 9.20 1.39 -1.93
N SER A 67 9.04 2.48 -2.66
CA SER A 67 9.59 2.59 -4.00
C SER A 67 11.11 2.72 -3.95
N ARG A 68 11.79 1.58 -3.90
CA ARG A 68 13.24 1.55 -3.85
C ARG A 68 13.82 2.03 -5.15
N GLY A 69 14.66 3.03 -5.11
CA GLY A 69 15.28 3.52 -6.31
C GLY A 69 16.40 2.62 -6.79
N ALA A 70 16.78 1.65 -5.95
CA ALA A 70 17.80 0.69 -6.30
C ALA A 70 17.20 -0.68 -6.58
N LEU A 71 16.30 -1.11 -5.71
CA LEU A 71 15.69 -2.44 -5.82
C LEU A 71 14.45 -2.41 -6.71
N GLY A 72 13.91 -1.23 -6.93
CA GLY A 72 12.66 -1.12 -7.66
C GLY A 72 11.50 -0.87 -6.72
N THR A 73 10.33 -0.59 -7.26
CA THR A 73 9.18 -0.33 -6.43
C THR A 73 8.71 -1.63 -5.77
N VAL A 74 9.00 -1.80 -4.49
CA VAL A 74 8.75 -3.06 -3.81
C VAL A 74 7.83 -2.86 -2.61
N VAL A 75 7.36 -3.97 -2.06
CA VAL A 75 6.53 -3.94 -0.87
C VAL A 75 7.40 -4.09 0.36
N GLU A 76 7.46 -3.06 1.17
CA GLU A 76 8.23 -3.11 2.40
C GLU A 76 7.34 -2.71 3.56
N LYS A 77 7.58 -3.30 4.72
CA LYS A 77 6.87 -2.89 5.91
C LYS A 77 7.41 -1.54 6.36
N ASN A 78 6.97 -0.49 5.68
CA ASN A 78 7.36 0.85 6.03
C ASN A 78 6.82 1.18 7.40
N PRO A 79 7.64 1.72 8.29
CA PRO A 79 7.15 2.22 9.56
C PRO A 79 6.07 3.26 9.33
N ILE A 80 4.86 2.93 9.73
CA ILE A 80 3.79 3.90 9.71
C ILE A 80 4.16 5.01 10.68
N VAL A 81 4.13 6.23 10.18
CA VAL A 81 4.41 7.41 11.00
C VAL A 81 3.55 7.41 12.26
N ILE A 82 4.10 6.83 13.31
CA ILE A 82 3.43 6.76 14.59
C ILE A 82 4.04 7.78 15.55
N THR A 83 3.22 8.67 16.06
CA THR A 83 3.69 9.72 16.96
C THR A 83 3.90 9.17 18.37
N GLY A 84 2.96 8.36 18.83
CA GLY A 84 3.08 7.77 20.16
C GLY A 84 3.79 6.44 20.11
N ALA A 85 5.00 6.44 19.56
CA ALA A 85 5.81 5.24 19.47
C ALA A 85 6.83 5.20 20.61
N ASP A 86 7.73 4.22 20.58
CA ASP A 86 8.71 4.05 21.65
C ASP A 86 9.88 5.02 21.49
N ARG A 87 9.96 5.65 20.32
CA ARG A 87 10.94 6.71 20.12
C ARG A 87 10.52 7.95 20.91
N LEU A 88 9.27 8.37 20.70
CA LEU A 88 8.66 9.49 21.40
C LEU A 88 9.48 10.78 21.22
N LYS A 89 10.44 11.01 22.12
CA LYS A 89 11.30 12.19 22.05
C LYS A 89 12.60 11.90 22.78
N ARG A 90 13.71 12.02 22.08
CA ARG A 90 15.02 11.66 22.63
C ARG A 90 15.87 12.91 22.85
N MET A 91 15.21 14.02 23.18
CA MET A 91 15.86 15.34 23.35
C MET A 91 16.32 15.88 22.00
N GLU A 92 17.11 15.09 21.30
CA GLU A 92 17.56 15.40 19.95
C GLU A 92 16.38 15.49 19.01
N LYS A 93 15.77 14.35 18.75
CA LYS A 93 14.65 14.27 17.81
C LYS A 93 13.35 14.66 18.49
N ASN A 94 12.80 15.77 18.01
CA ASN A 94 11.50 16.25 18.44
C ASN A 94 10.53 16.16 17.27
N GLY A 95 9.29 15.81 17.57
CA GLY A 95 8.29 15.66 16.51
C GLY A 95 7.83 17.01 15.99
N MET A 96 6.73 17.01 15.24
CA MET A 96 6.17 18.23 14.69
C MET A 96 5.39 19.00 15.75
N ARG A 97 6.09 19.33 16.83
CA ARG A 97 5.52 20.08 17.94
C ARG A 97 6.59 20.97 18.54
N TYR A 98 6.20 21.95 19.31
CA TYR A 98 7.15 22.81 19.98
C TYR A 98 6.91 22.74 21.48
N ALA A 99 7.98 22.60 22.25
CA ALA A 99 7.87 22.49 23.70
C ALA A 99 7.68 23.87 24.32
N PRO A 100 6.46 24.17 24.78
CA PRO A 100 6.11 25.49 25.30
C PRO A 100 6.52 25.64 26.76
N GLY A 101 7.08 24.58 27.32
CA GLY A 101 7.54 24.62 28.70
C GLY A 101 9.01 24.29 28.81
N GLU A 102 9.74 24.47 27.72
CA GLU A 102 11.18 24.22 27.73
C GLU A 102 11.93 25.55 27.77
N MET A 3 -11.70 -15.01 -10.16
CA MET A 3 -11.09 -15.36 -11.47
C MET A 3 -11.24 -14.20 -12.47
N PRO A 4 -12.47 -13.76 -12.81
CA PRO A 4 -12.68 -12.61 -13.69
C PRO A 4 -12.34 -11.29 -12.99
N TYR A 5 -12.10 -10.26 -13.78
CA TYR A 5 -11.74 -8.96 -13.23
C TYR A 5 -13.00 -8.12 -13.00
N LYS A 6 -12.94 -7.20 -12.06
CA LYS A 6 -14.04 -6.28 -11.82
C LYS A 6 -13.83 -4.99 -12.61
N ALA A 7 -14.91 -4.49 -13.21
CA ALA A 7 -14.87 -3.23 -13.94
C ALA A 7 -14.92 -2.06 -12.95
N PRO A 8 -14.25 -0.94 -13.28
CA PRO A 8 -14.19 0.23 -12.41
C PRO A 8 -15.46 1.06 -12.46
N GLU A 9 -16.14 1.15 -11.32
CA GLU A 9 -17.32 1.97 -11.17
C GLU A 9 -16.90 3.40 -10.80
N GLY A 10 -17.80 4.17 -10.19
CA GLY A 10 -17.48 5.53 -9.80
C GLY A 10 -16.58 5.60 -8.59
N LYS A 11 -15.39 5.04 -8.71
CA LYS A 11 -14.44 5.00 -7.62
C LYS A 11 -13.14 5.64 -8.04
N GLY A 12 -12.18 5.71 -7.13
CA GLY A 12 -10.88 6.22 -7.46
C GLY A 12 -9.76 5.40 -6.87
N TYR A 13 -8.68 6.07 -6.55
CA TYR A 13 -7.48 5.42 -6.03
C TYR A 13 -7.67 4.91 -4.60
N ALA A 14 -8.76 5.28 -3.95
CA ALA A 14 -8.98 4.90 -2.56
C ALA A 14 -9.45 3.46 -2.47
N ASP A 15 -9.92 2.95 -3.61
CA ASP A 15 -10.32 1.55 -3.69
C ASP A 15 -9.08 0.66 -3.67
N VAL A 16 -8.08 1.05 -4.45
CA VAL A 16 -6.81 0.35 -4.49
C VAL A 16 -6.14 0.33 -3.13
N ALA A 17 -6.22 1.46 -2.43
CA ALA A 17 -5.68 1.56 -1.08
C ALA A 17 -6.29 0.50 -0.17
N THR A 18 -7.60 0.33 -0.27
CA THR A 18 -8.32 -0.67 0.51
C THR A 18 -7.81 -2.08 0.18
N HIS A 19 -7.44 -2.29 -1.08
CA HIS A 19 -6.91 -3.57 -1.52
C HIS A 19 -5.55 -3.85 -0.89
N PHE A 20 -4.68 -2.85 -0.89
CA PHE A 20 -3.32 -3.04 -0.42
C PHE A 20 -3.28 -3.27 1.08
N ARG A 21 -4.01 -2.44 1.82
CA ARG A 21 -4.04 -2.54 3.27
C ARG A 21 -4.58 -3.90 3.73
N THR A 22 -5.28 -4.59 2.84
CA THR A 22 -5.79 -5.91 3.14
C THR A 22 -4.73 -6.98 2.84
N LEU A 23 -4.16 -6.94 1.64
CA LEU A 23 -3.26 -8.00 1.18
C LEU A 23 -1.91 -7.97 1.90
N ILE A 24 -1.54 -6.82 2.45
CA ILE A 24 -0.29 -6.68 3.17
C ILE A 24 -0.23 -7.63 4.37
N LYS A 25 -1.32 -7.67 5.14
CA LYS A 25 -1.39 -8.54 6.30
C LYS A 25 -1.83 -9.94 5.89
N SER A 26 -2.05 -10.12 4.60
CA SER A 26 -2.49 -11.39 4.05
C SER A 26 -1.29 -12.17 3.52
N GLY A 27 -0.12 -11.85 4.09
CA GLY A 27 1.21 -12.31 3.65
C GLY A 27 1.35 -12.77 2.19
N GLU A 28 0.49 -12.26 1.31
CA GLU A 28 0.64 -12.52 -0.11
C GLU A 28 1.59 -11.50 -0.71
N LEU A 29 1.56 -10.29 -0.18
CA LEU A 29 2.59 -9.31 -0.44
C LEU A 29 3.41 -9.12 0.82
N ALA A 30 4.23 -10.13 1.12
CA ALA A 30 5.11 -10.08 2.27
C ALA A 30 6.13 -8.95 2.12
N PRO A 31 6.63 -8.42 3.23
CA PRO A 31 7.57 -7.29 3.20
C PRO A 31 8.96 -7.75 2.79
N GLY A 32 9.46 -7.13 1.73
CA GLY A 32 10.71 -7.56 1.13
C GLY A 32 10.50 -7.96 -0.31
N ASP A 33 9.25 -8.06 -0.71
CA ASP A 33 8.89 -8.45 -2.07
C ASP A 33 8.58 -7.20 -2.89
N THR A 34 8.62 -7.31 -4.21
CA THR A 34 8.38 -6.14 -5.05
C THR A 34 6.88 -5.88 -5.22
N LEU A 35 6.56 -4.71 -5.75
CA LEU A 35 5.18 -4.37 -6.07
C LEU A 35 4.64 -5.29 -7.16
N PRO A 36 3.39 -5.70 -7.04
CA PRO A 36 2.74 -6.58 -8.02
C PRO A 36 2.32 -5.80 -9.26
N SER A 37 2.01 -6.53 -10.31
CA SER A 37 1.53 -5.91 -11.52
C SER A 37 0.09 -5.44 -11.31
N VAL A 38 -0.33 -4.45 -12.08
CA VAL A 38 -1.65 -3.82 -11.90
C VAL A 38 -2.79 -4.85 -11.86
N ALA A 39 -2.56 -6.02 -12.44
CA ALA A 39 -3.58 -7.07 -12.49
C ALA A 39 -4.07 -7.46 -11.10
N ASP A 40 -3.14 -7.77 -10.18
CA ASP A 40 -3.51 -8.23 -8.84
C ASP A 40 -4.36 -7.19 -8.13
N ILE A 41 -4.13 -5.94 -8.45
CA ILE A 41 -4.89 -4.84 -7.88
C ILE A 41 -6.24 -4.71 -8.58
N ARG A 42 -6.20 -4.47 -9.89
CA ARG A 42 -7.39 -4.04 -10.62
C ARG A 42 -8.34 -5.20 -10.96
N ALA A 43 -7.86 -6.42 -10.93
CA ALA A 43 -8.71 -7.56 -11.22
C ALA A 43 -9.61 -7.86 -10.03
N GLN A 44 -9.04 -7.77 -8.84
CA GLN A 44 -9.80 -7.94 -7.62
C GLN A 44 -10.57 -6.67 -7.33
N PHE A 45 -9.83 -5.60 -7.13
CA PHE A 45 -10.39 -4.29 -6.92
C PHE A 45 -10.51 -3.56 -8.25
N GLY A 46 -11.73 -3.47 -8.74
CA GLY A 46 -12.00 -2.96 -10.08
C GLY A 46 -11.55 -1.52 -10.28
N VAL A 47 -10.32 -1.38 -10.75
CA VAL A 47 -9.75 -0.08 -11.06
C VAL A 47 -9.05 -0.14 -12.42
N ALA A 48 -8.51 0.99 -12.85
CA ALA A 48 -7.71 1.03 -14.07
C ALA A 48 -6.24 0.88 -13.72
N ALA A 49 -5.37 1.09 -14.69
CA ALA A 49 -3.94 0.91 -14.48
C ALA A 49 -3.36 2.10 -13.74
N LYS A 50 -3.80 3.29 -14.12
CA LYS A 50 -3.31 4.51 -13.50
C LYS A 50 -3.94 4.69 -12.11
N THR A 51 -5.09 4.07 -11.90
CA THR A 51 -5.77 4.13 -10.61
C THR A 51 -4.92 3.43 -9.54
N VAL A 52 -4.36 2.28 -9.92
CA VAL A 52 -3.49 1.51 -9.04
C VAL A 52 -2.27 2.34 -8.62
N SER A 53 -1.55 2.84 -9.61
CA SER A 53 -0.35 3.62 -9.39
C SER A 53 -0.65 4.96 -8.72
N ARG A 54 -1.93 5.33 -8.67
CA ARG A 54 -2.34 6.60 -8.10
C ARG A 54 -2.45 6.47 -6.58
N ALA A 55 -2.90 5.30 -6.12
CA ALA A 55 -3.01 5.03 -4.71
C ALA A 55 -1.64 4.79 -4.08
N LEU A 56 -0.72 4.26 -4.87
CA LEU A 56 0.64 3.95 -4.40
C LEU A 56 1.29 5.12 -3.66
N ALA A 57 0.95 6.35 -4.04
CA ALA A 57 1.50 7.54 -3.39
C ALA A 57 1.02 7.64 -1.95
N VAL A 58 -0.16 7.10 -1.68
CA VAL A 58 -0.72 7.08 -0.34
C VAL A 58 -0.30 5.81 0.39
N LEU A 59 0.00 4.79 -0.40
CA LEU A 59 0.33 3.47 0.11
C LEU A 59 1.74 3.42 0.67
N LYS A 60 2.48 4.51 0.52
CA LYS A 60 3.79 4.59 1.14
C LYS A 60 3.63 4.59 2.67
N SER A 61 2.62 5.30 3.15
CA SER A 61 2.28 5.30 4.56
C SER A 61 1.21 4.24 4.87
N GLU A 62 0.09 4.29 4.16
CA GLU A 62 -1.07 3.45 4.48
C GLU A 62 -0.94 2.04 3.92
N GLY A 63 -0.40 1.91 2.74
CA GLY A 63 -0.34 0.62 2.08
C GLY A 63 0.93 -0.13 2.41
N LEU A 64 1.81 0.51 3.17
CA LEU A 64 3.07 -0.09 3.59
C LEU A 64 3.92 -0.53 2.40
N VAL A 65 4.22 0.40 1.52
CA VAL A 65 5.15 0.13 0.42
C VAL A 65 6.29 1.13 0.44
N SER A 66 7.38 0.80 -0.23
CA SER A 66 8.60 1.59 -0.16
C SER A 66 9.14 1.89 -1.55
N SER A 67 9.70 3.09 -1.71
CA SER A 67 10.26 3.52 -2.97
C SER A 67 11.68 2.98 -3.15
N ARG A 68 11.82 1.94 -3.95
CA ARG A 68 13.13 1.39 -4.26
C ARG A 68 13.37 1.51 -5.76
N GLY A 69 13.12 2.71 -6.29
CA GLY A 69 13.07 2.94 -7.72
C GLY A 69 14.40 2.74 -8.45
N ALA A 70 15.43 2.31 -7.73
CA ALA A 70 16.68 1.97 -8.37
C ALA A 70 16.54 0.61 -9.05
N LEU A 71 15.99 -0.34 -8.31
CA LEU A 71 15.58 -1.61 -8.89
C LEU A 71 14.11 -1.50 -9.31
N GLY A 72 13.26 -1.27 -8.33
CA GLY A 72 11.86 -1.07 -8.55
C GLY A 72 11.10 -0.94 -7.25
N THR A 73 9.83 -0.58 -7.32
CA THR A 73 9.05 -0.31 -6.13
C THR A 73 8.79 -1.62 -5.36
N VAL A 74 8.97 -1.57 -4.05
CA VAL A 74 8.94 -2.77 -3.24
C VAL A 74 8.05 -2.59 -2.02
N VAL A 75 7.66 -3.69 -1.41
CA VAL A 75 6.78 -3.67 -0.25
C VAL A 75 7.59 -3.83 1.03
N GLU A 76 7.63 -2.77 1.85
CA GLU A 76 8.26 -2.86 3.15
C GLU A 76 7.24 -2.46 4.21
N LYS A 77 7.31 -3.11 5.36
CA LYS A 77 6.32 -2.91 6.43
C LYS A 77 6.44 -1.52 7.03
N ASN A 78 5.90 -0.53 6.33
CA ASN A 78 5.95 0.86 6.76
C ASN A 78 5.00 1.11 7.92
N PRO A 79 5.55 1.47 9.08
CA PRO A 79 4.75 1.78 10.27
C PRO A 79 3.92 3.04 10.07
N ILE A 80 2.61 2.90 10.11
CA ILE A 80 1.72 4.01 9.86
C ILE A 80 1.60 4.88 11.10
N VAL A 81 2.29 6.03 11.08
CA VAL A 81 2.27 6.97 12.20
C VAL A 81 2.55 6.24 13.53
N ILE A 82 3.42 5.24 13.47
CA ILE A 82 3.73 4.44 14.64
C ILE A 82 4.87 5.05 15.43
N THR A 83 4.54 5.61 16.57
CA THR A 83 5.51 6.22 17.45
C THR A 83 4.95 6.30 18.87
N GLY A 84 3.79 6.94 19.01
CA GLY A 84 3.15 7.05 20.30
C GLY A 84 1.68 7.36 20.18
N ALA A 85 0.86 6.57 20.85
CA ALA A 85 -0.58 6.80 20.86
C ALA A 85 -0.96 7.63 22.09
N ASP A 86 -2.21 8.06 22.13
CA ASP A 86 -2.70 8.89 23.23
C ASP A 86 -3.27 8.02 24.33
N ARG A 87 -3.08 6.72 24.19
CA ARG A 87 -3.58 5.78 25.16
C ARG A 87 -2.83 5.89 26.48
N LEU A 88 -1.50 6.04 26.39
CA LEU A 88 -0.62 6.10 27.56
C LEU A 88 -0.74 4.83 28.39
N LYS A 89 -1.77 4.78 29.22
CA LYS A 89 -2.09 3.58 29.97
C LYS A 89 -3.00 2.71 29.13
N ARG A 90 -2.46 1.62 28.59
CA ARG A 90 -3.26 0.71 27.79
C ARG A 90 -4.32 0.08 28.67
N MET A 91 -5.47 -0.24 28.08
CA MET A 91 -6.61 -0.70 28.85
C MET A 91 -6.28 -1.95 29.64
N GLU A 92 -6.18 -1.79 30.96
CA GLU A 92 -5.86 -2.87 31.89
C GLU A 92 -4.45 -3.41 31.65
N LYS A 93 -3.62 -2.64 30.96
CA LYS A 93 -2.28 -3.07 30.65
C LYS A 93 -1.23 -2.15 31.26
N ASN A 94 -1.00 -2.36 32.55
CA ASN A 94 0.09 -1.71 33.24
C ASN A 94 0.91 -2.76 33.98
N GLY A 95 2.02 -3.15 33.38
CA GLY A 95 2.85 -4.18 33.98
C GLY A 95 3.90 -3.62 34.89
N MET A 96 4.77 -2.80 34.33
CA MET A 96 5.84 -2.17 35.09
C MET A 96 5.52 -0.70 35.30
N ARG A 97 4.33 -0.45 35.82
CA ARG A 97 3.89 0.91 36.11
C ARG A 97 2.84 0.88 37.19
N TYR A 98 2.69 1.98 37.88
CA TYR A 98 1.70 2.11 38.93
C TYR A 98 1.22 3.54 38.97
N ALA A 99 0.13 3.78 39.67
CA ALA A 99 -0.40 5.12 39.84
C ALA A 99 0.48 5.90 40.83
N PRO A 100 1.25 6.87 40.34
CA PRO A 100 2.21 7.61 41.15
C PRO A 100 1.57 8.78 41.89
N GLY A 101 0.25 8.74 42.00
CA GLY A 101 -0.47 9.74 42.74
C GLY A 101 -1.71 9.14 43.37
N GLU A 102 -1.54 7.97 43.97
CA GLU A 102 -2.64 7.25 44.57
C GLU A 102 -2.35 7.00 46.05
N MET A 3 -8.64 -14.59 -15.22
CA MET A 3 -9.58 -13.79 -14.41
C MET A 3 -9.93 -12.50 -15.15
N PRO A 4 -11.23 -12.19 -15.29
CA PRO A 4 -11.69 -10.98 -15.96
C PRO A 4 -11.38 -9.72 -15.15
N TYR A 5 -11.20 -8.60 -15.84
CA TYR A 5 -10.94 -7.33 -15.20
C TYR A 5 -12.24 -6.69 -14.78
N LYS A 6 -12.50 -6.65 -13.48
CA LYS A 6 -13.71 -6.05 -12.95
C LYS A 6 -13.64 -4.52 -13.04
N ALA A 7 -14.50 -3.93 -13.85
CA ALA A 7 -14.49 -2.49 -14.03
C ALA A 7 -15.78 -1.85 -13.53
N PRO A 8 -15.75 -1.29 -12.32
CA PRO A 8 -16.84 -0.51 -11.76
C PRO A 8 -16.58 0.99 -11.90
N GLU A 9 -17.58 1.79 -11.58
CA GLU A 9 -17.41 3.23 -11.57
C GLU A 9 -18.09 3.82 -10.35
N GLY A 10 -17.67 5.00 -9.95
CA GLY A 10 -18.21 5.63 -8.76
C GLY A 10 -17.22 5.56 -7.61
N LYS A 11 -16.17 4.79 -7.83
CA LYS A 11 -15.11 4.67 -6.84
C LYS A 11 -13.87 5.39 -7.36
N GLY A 12 -12.91 5.60 -6.50
CA GLY A 12 -11.68 6.22 -6.94
C GLY A 12 -10.48 5.37 -6.58
N TYR A 13 -9.39 6.04 -6.29
CA TYR A 13 -8.16 5.38 -5.89
C TYR A 13 -8.30 4.80 -4.48
N ALA A 14 -9.44 5.07 -3.84
CA ALA A 14 -9.63 4.70 -2.46
C ALA A 14 -9.94 3.22 -2.32
N ASP A 15 -10.26 2.59 -3.45
CA ASP A 15 -10.51 1.16 -3.46
C ASP A 15 -9.22 0.41 -3.20
N VAL A 16 -8.25 0.59 -4.08
CA VAL A 16 -7.00 -0.15 -3.99
C VAL A 16 -6.20 0.25 -2.76
N ALA A 17 -6.36 1.50 -2.32
CA ALA A 17 -5.72 1.96 -1.10
C ALA A 17 -6.15 1.10 0.09
N THR A 18 -7.42 0.75 0.11
CA THR A 18 -7.97 -0.07 1.18
C THR A 18 -7.71 -1.55 0.91
N HIS A 19 -7.84 -1.93 -0.36
CA HIS A 19 -7.68 -3.32 -0.77
C HIS A 19 -6.23 -3.79 -0.67
N PHE A 20 -5.30 -2.85 -0.65
CA PHE A 20 -3.88 -3.17 -0.48
C PHE A 20 -3.56 -3.50 0.97
N ARG A 21 -4.34 -2.96 1.88
CA ARG A 21 -4.09 -3.17 3.30
C ARG A 21 -4.40 -4.61 3.72
N THR A 22 -5.20 -5.30 2.92
CA THR A 22 -5.50 -6.70 3.16
C THR A 22 -4.42 -7.59 2.56
N LEU A 23 -3.59 -6.98 1.71
CA LEU A 23 -2.45 -7.67 1.12
C LEU A 23 -1.25 -7.58 2.05
N ILE A 24 -1.00 -6.38 2.55
CA ILE A 24 0.12 -6.12 3.46
C ILE A 24 -0.23 -6.66 4.85
N LYS A 25 -1.40 -7.26 4.94
CA LYS A 25 -1.91 -7.80 6.16
C LYS A 25 -0.99 -8.88 6.72
N SER A 26 -1.11 -10.11 6.21
CA SER A 26 -0.38 -11.21 6.84
C SER A 26 0.63 -11.90 5.93
N GLY A 27 0.34 -11.94 4.64
CA GLY A 27 1.21 -12.66 3.73
C GLY A 27 0.84 -12.46 2.28
N GLU A 28 -0.41 -12.05 2.06
CA GLU A 28 -0.98 -11.89 0.73
C GLU A 28 -0.01 -11.16 -0.19
N LEU A 29 0.57 -10.09 0.33
CA LEU A 29 1.65 -9.40 -0.34
C LEU A 29 2.75 -9.13 0.69
N ALA A 30 3.68 -10.07 0.78
CA ALA A 30 4.67 -10.08 1.86
C ALA A 30 5.72 -8.99 1.67
N PRO A 31 6.31 -8.52 2.79
CA PRO A 31 7.38 -7.53 2.76
C PRO A 31 8.71 -8.16 2.36
N GLY A 32 9.36 -7.56 1.40
CA GLY A 32 10.55 -8.14 0.82
C GLY A 32 10.32 -8.49 -0.64
N ASP A 33 9.06 -8.52 -1.01
CA ASP A 33 8.65 -8.81 -2.38
C ASP A 33 8.44 -7.51 -3.13
N THR A 34 8.45 -7.57 -4.45
CA THR A 34 8.25 -6.38 -5.27
C THR A 34 6.78 -6.04 -5.40
N LEU A 35 6.48 -4.81 -5.77
CA LEU A 35 5.11 -4.43 -6.07
C LEU A 35 4.64 -5.18 -7.32
N PRO A 36 3.40 -5.66 -7.31
CA PRO A 36 2.84 -6.36 -8.46
C PRO A 36 2.42 -5.40 -9.57
N SER A 37 2.34 -5.90 -10.79
CA SER A 37 1.95 -5.09 -11.91
C SER A 37 0.47 -4.71 -11.79
N VAL A 38 0.10 -3.61 -12.42
CA VAL A 38 -1.27 -3.07 -12.35
C VAL A 38 -2.32 -4.12 -12.74
N ALA A 39 -1.89 -5.19 -13.38
CA ALA A 39 -2.78 -6.28 -13.76
C ALA A 39 -3.42 -6.93 -12.54
N ASP A 40 -2.59 -7.25 -11.54
CA ASP A 40 -3.06 -7.95 -10.34
C ASP A 40 -3.99 -7.07 -9.53
N ILE A 41 -3.65 -5.79 -9.44
CA ILE A 41 -4.48 -4.83 -8.72
C ILE A 41 -5.82 -4.66 -9.42
N ARG A 42 -5.75 -4.28 -10.70
CA ARG A 42 -6.93 -3.88 -11.48
C ARG A 42 -7.96 -4.99 -11.66
N ALA A 43 -7.52 -6.24 -11.71
CA ALA A 43 -8.44 -7.34 -11.97
C ALA A 43 -9.14 -7.82 -10.69
N GLN A 44 -8.39 -7.89 -9.61
CA GLN A 44 -8.94 -8.35 -8.34
C GLN A 44 -9.66 -7.19 -7.66
N PHE A 45 -8.96 -6.08 -7.57
CA PHE A 45 -9.51 -4.86 -7.03
C PHE A 45 -10.08 -4.05 -8.18
N GLY A 46 -11.39 -4.09 -8.35
CA GLY A 46 -12.06 -3.42 -9.45
C GLY A 46 -11.69 -1.95 -9.59
N VAL A 47 -10.67 -1.69 -10.40
CA VAL A 47 -10.21 -0.34 -10.68
C VAL A 47 -9.69 -0.26 -12.11
N ALA A 48 -9.26 0.93 -12.52
CA ALA A 48 -8.61 1.09 -13.81
C ALA A 48 -7.10 0.97 -13.63
N ALA A 49 -6.35 1.20 -14.70
CA ALA A 49 -4.90 1.04 -14.63
C ALA A 49 -4.26 2.23 -13.92
N LYS A 50 -4.82 3.42 -14.15
CA LYS A 50 -4.30 4.62 -13.51
C LYS A 50 -4.87 4.79 -12.11
N THR A 51 -5.93 4.04 -11.81
CA THR A 51 -6.52 4.07 -10.48
C THR A 51 -5.56 3.43 -9.47
N VAL A 52 -4.92 2.35 -9.90
CA VAL A 52 -3.89 1.68 -9.12
C VAL A 52 -2.77 2.66 -8.77
N SER A 53 -2.18 3.22 -9.82
CA SER A 53 -1.06 4.14 -9.70
C SER A 53 -1.42 5.39 -8.88
N ARG A 54 -2.72 5.65 -8.70
CA ARG A 54 -3.15 6.84 -8.00
C ARG A 54 -3.03 6.63 -6.48
N ALA A 55 -3.48 5.47 -6.01
CA ALA A 55 -3.43 5.18 -4.58
C ALA A 55 -2.06 4.73 -4.14
N LEU A 56 -1.19 4.37 -5.08
CA LEU A 56 0.20 4.06 -4.77
C LEU A 56 0.83 5.13 -3.88
N ALA A 57 0.42 6.38 -4.09
CA ALA A 57 0.92 7.49 -3.28
C ALA A 57 0.49 7.33 -1.82
N VAL A 58 -0.73 6.85 -1.61
CA VAL A 58 -1.25 6.61 -0.29
C VAL A 58 -0.58 5.39 0.33
N LEU A 59 -0.16 4.47 -0.53
CA LEU A 59 0.43 3.22 -0.09
C LEU A 59 1.84 3.44 0.44
N LYS A 60 2.42 4.59 0.15
CA LYS A 60 3.74 4.91 0.67
C LYS A 60 3.68 5.07 2.18
N SER A 61 2.70 5.84 2.63
CA SER A 61 2.52 6.09 4.05
C SER A 61 1.58 5.06 4.68
N GLU A 62 0.40 4.95 4.11
CA GLU A 62 -0.68 4.17 4.72
C GLU A 62 -0.66 2.72 4.25
N GLY A 63 -0.23 2.48 3.02
CA GLY A 63 -0.19 1.13 2.50
C GLY A 63 1.01 0.36 3.01
N LEU A 64 2.08 1.10 3.30
CA LEU A 64 3.33 0.55 3.84
C LEU A 64 4.13 -0.17 2.76
N VAL A 65 4.84 0.61 1.95
CA VAL A 65 5.69 0.09 0.89
C VAL A 65 6.91 0.99 0.73
N SER A 66 7.86 0.58 -0.09
CA SER A 66 9.03 1.40 -0.34
C SER A 66 9.53 1.21 -1.77
N SER A 67 9.48 2.29 -2.54
CA SER A 67 9.93 2.25 -3.92
C SER A 67 11.44 2.48 -3.96
N ARG A 68 12.19 1.41 -4.21
CA ARG A 68 13.63 1.50 -4.31
C ARG A 68 14.01 1.93 -5.71
N GLY A 69 14.68 3.07 -5.82
CA GLY A 69 15.04 3.60 -7.14
C GLY A 69 16.21 2.88 -7.77
N ALA A 70 16.30 1.58 -7.52
CA ALA A 70 17.39 0.76 -8.05
C ALA A 70 16.88 -0.66 -8.28
N LEU A 71 16.58 -1.35 -7.20
CA LEU A 71 16.05 -2.70 -7.26
C LEU A 71 14.63 -2.69 -7.81
N GLY A 72 13.91 -1.61 -7.52
CA GLY A 72 12.53 -1.49 -7.95
C GLY A 72 11.62 -1.17 -6.80
N THR A 73 10.36 -0.87 -7.09
CA THR A 73 9.42 -0.56 -6.05
C THR A 73 8.94 -1.85 -5.38
N VAL A 74 9.17 -1.96 -4.08
CA VAL A 74 8.92 -3.20 -3.38
C VAL A 74 8.01 -2.99 -2.18
N VAL A 75 7.57 -4.08 -1.59
CA VAL A 75 6.75 -4.05 -0.40
C VAL A 75 7.64 -4.18 0.82
N GLU A 76 7.63 -3.19 1.70
CA GLU A 76 8.43 -3.24 2.90
C GLU A 76 7.61 -2.90 4.12
N LYS A 77 8.11 -3.31 5.26
CA LYS A 77 7.54 -2.91 6.53
C LYS A 77 8.03 -1.50 6.86
N ASN A 78 8.13 -0.67 5.83
CA ASN A 78 8.66 0.67 5.97
C ASN A 78 7.68 1.72 5.48
N PRO A 79 6.76 2.11 6.37
CA PRO A 79 5.93 3.30 6.17
C PRO A 79 6.79 4.50 5.86
N ILE A 80 6.64 5.05 4.67
CA ILE A 80 7.33 6.26 4.34
C ILE A 80 6.81 7.37 5.23
N VAL A 81 7.73 8.05 5.89
CA VAL A 81 7.38 9.17 6.73
C VAL A 81 6.80 10.31 5.89
N ILE A 82 5.57 10.11 5.46
CA ILE A 82 4.89 11.06 4.61
C ILE A 82 4.34 12.23 5.42
N THR A 83 4.97 13.39 5.30
CA THR A 83 4.46 14.60 5.91
C THR A 83 3.95 15.54 4.83
N GLY A 84 4.89 16.09 4.06
CA GLY A 84 4.55 16.91 2.94
C GLY A 84 5.43 16.60 1.74
N ALA A 85 4.90 16.77 0.55
CA ALA A 85 5.65 16.48 -0.67
C ALA A 85 6.01 17.77 -1.40
N ASP A 86 6.96 17.67 -2.31
CA ASP A 86 7.42 18.82 -3.08
C ASP A 86 6.41 19.16 -4.18
N ARG A 87 5.80 18.12 -4.73
CA ARG A 87 4.81 18.27 -5.79
C ARG A 87 3.48 18.77 -5.23
N LEU A 88 3.28 18.58 -3.94
CA LEU A 88 2.08 19.06 -3.27
C LEU A 88 2.08 20.58 -3.20
N LYS A 89 1.45 21.19 -4.19
CA LYS A 89 1.35 22.63 -4.28
C LYS A 89 0.20 22.98 -5.24
N ARG A 90 0.18 22.26 -6.36
CA ARG A 90 -0.89 22.37 -7.33
C ARG A 90 -1.17 20.98 -7.90
N MET A 91 -2.44 20.65 -8.08
CA MET A 91 -2.79 19.37 -8.69
C MET A 91 -2.43 19.42 -10.17
N GLU A 92 -2.81 20.52 -10.80
CA GLU A 92 -2.38 20.80 -12.15
C GLU A 92 -1.10 21.63 -12.08
N LYS A 93 0.00 20.96 -11.78
CA LYS A 93 1.26 21.62 -11.49
C LYS A 93 1.77 22.43 -12.67
N ASN A 94 1.79 23.74 -12.51
CA ASN A 94 2.34 24.65 -13.49
C ASN A 94 3.86 24.70 -13.34
N GLY A 95 4.57 24.78 -14.45
CA GLY A 95 6.02 24.87 -14.42
C GLY A 95 6.51 26.11 -13.69
N MET A 96 5.78 27.20 -13.86
CA MET A 96 6.11 28.46 -13.20
C MET A 96 5.63 28.43 -11.75
N ARG A 97 6.56 28.15 -10.84
CA ARG A 97 6.22 28.02 -9.44
C ARG A 97 6.52 29.31 -8.66
N TYR A 98 5.76 29.53 -7.61
CA TYR A 98 5.98 30.66 -6.71
C TYR A 98 5.97 30.18 -5.27
N ALA A 99 6.49 30.99 -4.37
CA ALA A 99 6.48 30.66 -2.95
C ALA A 99 5.25 31.24 -2.27
N PRO A 100 4.31 30.37 -1.86
CA PRO A 100 3.05 30.79 -1.27
C PRO A 100 3.17 31.08 0.23
N GLY A 101 4.41 31.17 0.70
CA GLY A 101 4.67 31.49 2.08
C GLY A 101 5.85 32.43 2.22
N GLU A 102 5.98 33.33 1.27
CA GLU A 102 7.09 34.27 1.24
C GLU A 102 6.60 35.62 0.73
N MET A 3 -14.23 -12.50 -17.40
CA MET A 3 -12.84 -12.19 -16.98
C MET A 3 -12.80 -11.81 -15.51
N PRO A 4 -11.73 -12.23 -14.80
CA PRO A 4 -11.57 -11.96 -13.36
C PRO A 4 -11.21 -10.51 -13.08
N TYR A 5 -11.26 -9.69 -14.12
CA TYR A 5 -10.99 -8.27 -14.00
C TYR A 5 -12.28 -7.51 -13.73
N LYS A 6 -12.32 -6.83 -12.59
CA LYS A 6 -13.50 -6.05 -12.23
C LYS A 6 -13.39 -4.64 -12.81
N ALA A 7 -14.51 -4.11 -13.26
CA ALA A 7 -14.54 -2.78 -13.86
C ALA A 7 -14.75 -1.71 -12.80
N PRO A 8 -13.97 -0.62 -12.85
CA PRO A 8 -14.13 0.49 -11.93
C PRO A 8 -15.29 1.40 -12.33
N GLU A 9 -16.34 1.38 -11.51
CA GLU A 9 -17.55 2.15 -11.78
C GLU A 9 -17.25 3.65 -11.63
N GLY A 10 -17.19 4.09 -10.39
CA GLY A 10 -16.82 5.47 -10.11
C GLY A 10 -15.71 5.56 -9.09
N LYS A 11 -15.33 4.42 -8.54
CA LYS A 11 -14.26 4.35 -7.55
C LYS A 11 -12.91 4.63 -8.19
N GLY A 12 -11.97 5.12 -7.39
CA GLY A 12 -10.65 5.37 -7.88
C GLY A 12 -9.59 4.80 -6.97
N TYR A 13 -8.56 5.59 -6.72
CA TYR A 13 -7.42 5.14 -5.93
C TYR A 13 -7.77 5.04 -4.45
N ALA A 14 -9.00 5.40 -4.12
CA ALA A 14 -9.43 5.46 -2.74
C ALA A 14 -10.02 4.13 -2.31
N ASP A 15 -10.43 3.33 -3.29
CA ASP A 15 -10.98 2.02 -2.99
C ASP A 15 -9.88 1.00 -3.01
N VAL A 16 -8.94 1.20 -3.93
CA VAL A 16 -7.85 0.29 -4.12
C VAL A 16 -6.82 0.42 -3.01
N ALA A 17 -6.65 1.65 -2.49
CA ALA A 17 -5.78 1.89 -1.35
C ALA A 17 -6.20 1.03 -0.16
N THR A 18 -7.50 1.03 0.12
CA THR A 18 -8.05 0.26 1.22
C THR A 18 -7.87 -1.23 0.98
N HIS A 19 -7.98 -1.63 -0.29
CA HIS A 19 -7.90 -3.04 -0.65
C HIS A 19 -6.48 -3.57 -0.51
N PHE A 20 -5.49 -2.69 -0.66
CA PHE A 20 -4.10 -3.10 -0.59
C PHE A 20 -3.70 -3.38 0.84
N ARG A 21 -4.44 -2.84 1.79
CA ARG A 21 -4.10 -2.98 3.20
C ARG A 21 -4.27 -4.43 3.66
N THR A 22 -5.11 -5.16 2.95
CA THR A 22 -5.33 -6.57 3.25
C THR A 22 -4.14 -7.40 2.77
N LEU A 23 -3.48 -6.90 1.74
CA LEU A 23 -2.36 -7.59 1.11
C LEU A 23 -1.08 -7.42 1.92
N ILE A 24 -1.00 -6.30 2.63
CA ILE A 24 0.20 -5.98 3.37
C ILE A 24 0.13 -6.53 4.80
N LYS A 25 -1.01 -7.07 5.20
CA LYS A 25 -1.08 -7.80 6.45
C LYS A 25 -0.23 -9.05 6.31
N SER A 26 -0.77 -10.07 5.67
CA SER A 26 0.08 -11.09 5.10
C SER A 26 -0.16 -11.13 3.59
N GLY A 27 -1.45 -10.86 3.26
CA GLY A 27 -2.01 -10.77 1.90
C GLY A 27 -1.25 -11.37 0.74
N GLU A 28 -0.38 -12.32 1.01
CA GLU A 28 0.49 -12.91 0.01
C GLU A 28 1.39 -11.83 -0.63
N LEU A 29 1.40 -10.63 -0.07
CA LEU A 29 2.21 -9.53 -0.57
C LEU A 29 2.99 -8.93 0.59
N ALA A 30 3.37 -9.79 1.52
CA ALA A 30 4.13 -9.40 2.70
C ALA A 30 5.45 -8.73 2.29
N PRO A 31 6.14 -8.06 3.23
CA PRO A 31 7.34 -7.28 2.93
C PRO A 31 8.54 -8.18 2.64
N GLY A 32 9.10 -7.98 1.46
CA GLY A 32 10.15 -8.84 0.96
C GLY A 32 9.87 -9.27 -0.46
N ASP A 33 8.64 -9.01 -0.91
CA ASP A 33 8.23 -9.31 -2.27
C ASP A 33 8.18 -8.02 -3.08
N THR A 34 8.14 -8.14 -4.40
CA THR A 34 8.05 -6.97 -5.27
C THR A 34 6.61 -6.70 -5.70
N LEU A 35 6.30 -5.44 -6.00
CA LEU A 35 4.94 -5.04 -6.34
C LEU A 35 4.52 -5.55 -7.72
N PRO A 36 3.46 -6.37 -7.77
CA PRO A 36 2.84 -6.82 -9.04
C PRO A 36 1.83 -5.83 -9.54
N SER A 37 1.80 -4.73 -8.86
CA SER A 37 0.67 -3.83 -8.90
C SER A 37 0.57 -2.93 -10.11
N VAL A 38 0.51 -3.52 -11.27
CA VAL A 38 -0.31 -3.02 -12.34
C VAL A 38 -1.60 -3.83 -12.43
N ALA A 39 -1.39 -5.13 -12.62
CA ALA A 39 -2.41 -6.09 -13.02
C ALA A 39 -3.13 -6.70 -11.83
N ASP A 40 -2.34 -7.35 -10.98
CA ASP A 40 -2.82 -8.13 -9.83
C ASP A 40 -3.89 -7.41 -9.06
N ILE A 41 -3.80 -6.09 -9.07
CA ILE A 41 -4.65 -5.25 -8.28
C ILE A 41 -5.95 -4.95 -9.00
N ARG A 42 -5.85 -4.41 -10.20
CA ARG A 42 -7.01 -3.93 -10.92
C ARG A 42 -7.95 -5.07 -11.31
N ALA A 43 -7.43 -6.29 -11.30
CA ALA A 43 -8.24 -7.46 -11.58
C ALA A 43 -9.26 -7.69 -10.47
N GLN A 44 -8.77 -7.84 -9.26
CA GLN A 44 -9.61 -8.13 -8.11
C GLN A 44 -10.24 -6.84 -7.61
N PHE A 45 -9.38 -5.88 -7.37
CA PHE A 45 -9.79 -4.59 -6.88
C PHE A 45 -10.09 -3.72 -8.08
N GLY A 46 -11.30 -3.87 -8.59
CA GLY A 46 -11.78 -3.18 -9.78
C GLY A 46 -11.34 -1.73 -9.91
N VAL A 47 -10.17 -1.54 -10.50
CA VAL A 47 -9.62 -0.23 -10.79
C VAL A 47 -8.93 -0.27 -12.15
N ALA A 48 -8.39 0.86 -12.59
CA ALA A 48 -7.63 0.89 -13.83
C ALA A 48 -6.17 0.59 -13.54
N ALA A 49 -5.32 0.67 -14.55
CA ALA A 49 -3.92 0.30 -14.39
C ALA A 49 -3.14 1.40 -13.68
N LYS A 50 -3.51 2.65 -13.96
CA LYS A 50 -2.91 3.78 -13.30
C LYS A 50 -3.58 4.07 -11.96
N THR A 51 -4.74 3.45 -11.74
CA THR A 51 -5.47 3.63 -10.49
C THR A 51 -4.76 2.93 -9.34
N VAL A 52 -4.23 1.74 -9.61
CA VAL A 52 -3.44 1.02 -8.64
C VAL A 52 -2.28 1.87 -8.17
N SER A 53 -1.47 2.31 -9.12
CA SER A 53 -0.31 3.14 -8.84
C SER A 53 -0.71 4.49 -8.25
N ARG A 54 -1.99 4.84 -8.34
CA ARG A 54 -2.47 6.10 -7.81
C ARG A 54 -2.62 5.98 -6.30
N ALA A 55 -3.19 4.86 -5.86
CA ALA A 55 -3.26 4.52 -4.44
C ALA A 55 -1.88 4.27 -3.88
N LEU A 56 -1.00 3.70 -4.70
CA LEU A 56 0.38 3.41 -4.30
C LEU A 56 1.07 4.66 -3.74
N ALA A 57 0.69 5.83 -4.25
CA ALA A 57 1.23 7.10 -3.77
C ALA A 57 0.85 7.34 -2.31
N VAL A 58 -0.26 6.77 -1.91
CA VAL A 58 -0.72 6.83 -0.52
C VAL A 58 -0.18 5.64 0.26
N LEU A 59 0.01 4.53 -0.46
CA LEU A 59 0.39 3.26 0.13
C LEU A 59 1.85 3.25 0.56
N LYS A 60 2.62 4.22 0.10
CA LYS A 60 3.98 4.36 0.57
C LYS A 60 3.98 4.69 2.06
N SER A 61 3.01 5.49 2.48
CA SER A 61 2.82 5.82 3.89
C SER A 61 1.84 4.87 4.57
N GLU A 62 0.65 4.73 3.98
CA GLU A 62 -0.45 4.03 4.62
C GLU A 62 -0.43 2.54 4.32
N GLY A 63 0.06 2.18 3.14
CA GLY A 63 0.06 0.80 2.71
C GLY A 63 1.33 0.06 3.08
N LEU A 64 2.35 0.81 3.50
CA LEU A 64 3.64 0.25 3.89
C LEU A 64 4.32 -0.46 2.72
N VAL A 65 4.46 0.25 1.61
CA VAL A 65 5.22 -0.26 0.47
C VAL A 65 6.40 0.64 0.17
N SER A 66 7.34 0.14 -0.61
CA SER A 66 8.56 0.87 -0.88
C SER A 66 8.68 1.20 -2.37
N SER A 67 8.45 2.46 -2.71
CA SER A 67 8.64 2.91 -4.07
C SER A 67 10.12 3.21 -4.31
N ARG A 68 10.92 2.15 -4.37
CA ARG A 68 12.35 2.28 -4.54
C ARG A 68 12.68 2.65 -5.98
N GLY A 69 12.86 3.94 -6.24
CA GLY A 69 13.08 4.40 -7.61
C GLY A 69 14.52 4.18 -8.08
N ALA A 70 15.00 2.97 -7.88
CA ALA A 70 16.35 2.58 -8.29
C ALA A 70 16.43 1.06 -8.38
N LEU A 71 15.91 0.39 -7.36
CA LEU A 71 15.82 -1.07 -7.36
C LEU A 71 14.50 -1.48 -8.01
N GLY A 72 13.44 -0.80 -7.62
CA GLY A 72 12.14 -1.06 -8.19
C GLY A 72 11.05 -1.04 -7.13
N THR A 73 9.82 -1.33 -7.53
CA THR A 73 8.72 -1.32 -6.59
C THR A 73 8.77 -2.56 -5.71
N VAL A 74 9.15 -2.38 -4.45
CA VAL A 74 9.31 -3.49 -3.54
C VAL A 74 8.43 -3.30 -2.31
N VAL A 75 8.01 -4.39 -1.71
CA VAL A 75 7.17 -4.32 -0.54
C VAL A 75 8.04 -4.35 0.70
N GLU A 76 8.20 -3.21 1.35
CA GLU A 76 8.94 -3.14 2.59
C GLU A 76 8.10 -2.49 3.65
N LYS A 77 8.11 -3.07 4.84
CA LYS A 77 7.39 -2.50 5.97
C LYS A 77 8.03 -1.19 6.36
N ASN A 78 7.52 -0.10 5.80
CA ASN A 78 8.08 1.22 6.07
C ASN A 78 7.40 1.86 7.27
N PRO A 79 8.14 2.01 8.37
CA PRO A 79 7.66 2.75 9.52
C PRO A 79 7.45 4.21 9.13
N ILE A 80 6.21 4.66 9.18
CA ILE A 80 5.88 5.98 8.69
C ILE A 80 5.87 7.00 9.80
N VAL A 81 6.79 7.96 9.66
CA VAL A 81 7.02 9.03 10.63
C VAL A 81 7.04 8.50 12.06
N ILE A 82 7.49 7.27 12.21
CA ILE A 82 7.47 6.58 13.49
C ILE A 82 8.58 7.09 14.40
N THR A 83 8.20 7.65 15.53
CA THR A 83 9.15 8.08 16.54
C THR A 83 8.93 7.29 17.83
N GLY A 84 7.71 6.81 18.01
CA GLY A 84 7.39 5.98 19.15
C GLY A 84 7.17 4.54 18.75
N ALA A 85 8.07 3.67 19.18
CA ALA A 85 8.00 2.26 18.82
C ALA A 85 6.81 1.58 19.49
N ASP A 86 6.30 2.20 20.55
CA ASP A 86 5.13 1.68 21.26
C ASP A 86 3.86 2.03 20.51
N ARG A 87 3.95 3.02 19.63
CA ARG A 87 2.79 3.56 18.96
C ARG A 87 2.51 2.79 17.67
N LEU A 88 3.36 1.82 17.37
CA LEU A 88 3.15 0.98 16.19
C LEU A 88 2.10 -0.08 16.50
N LYS A 89 1.92 -0.36 17.79
CA LYS A 89 0.83 -1.19 18.26
C LYS A 89 -0.10 -0.35 19.14
N ARG A 90 -1.13 -0.98 19.68
CA ARG A 90 -2.08 -0.28 20.54
C ARG A 90 -1.57 -0.25 21.99
N MET A 91 -2.35 0.39 22.86
CA MET A 91 -2.01 0.45 24.28
C MET A 91 -2.14 -0.93 24.90
N GLU A 92 -3.16 -1.67 24.47
CA GLU A 92 -3.30 -3.07 24.81
C GLU A 92 -2.23 -3.86 24.06
N LYS A 93 -1.01 -3.71 24.52
CA LYS A 93 0.15 -4.18 23.77
C LYS A 93 0.52 -5.61 24.15
N ASN A 94 0.74 -6.42 23.13
CA ASN A 94 1.19 -7.80 23.31
C ASN A 94 2.69 -7.87 23.08
N GLY A 95 3.39 -8.59 23.94
CA GLY A 95 4.82 -8.77 23.76
C GLY A 95 5.13 -9.75 22.65
N MET A 96 4.20 -10.65 22.40
CA MET A 96 4.32 -11.61 21.31
C MET A 96 3.61 -11.08 20.07
N ARG A 97 3.54 -11.90 19.03
CA ARG A 97 2.94 -11.46 17.76
C ARG A 97 1.46 -11.16 17.94
N TYR A 98 0.99 -10.15 17.23
CA TYR A 98 -0.40 -9.76 17.26
C TYR A 98 -1.12 -10.38 16.07
N ALA A 99 -2.28 -10.99 16.33
CA ALA A 99 -3.05 -11.63 15.27
C ALA A 99 -3.73 -10.58 14.40
N PRO A 100 -3.25 -10.42 13.15
CA PRO A 100 -3.75 -9.40 12.25
C PRO A 100 -4.93 -9.88 11.40
N GLY A 101 -5.28 -11.14 11.59
CA GLY A 101 -6.37 -11.73 10.82
C GLY A 101 -7.12 -12.77 11.61
N GLU A 102 -7.42 -12.47 12.87
CA GLU A 102 -8.15 -13.39 13.72
C GLU A 102 -9.62 -13.00 13.76
N MET A 3 -14.86 -15.14 -14.74
CA MET A 3 -14.32 -13.77 -14.55
C MET A 3 -14.75 -13.21 -13.20
N PRO A 4 -13.91 -13.41 -12.16
CA PRO A 4 -14.22 -12.99 -10.79
C PRO A 4 -13.80 -11.53 -10.52
N TYR A 5 -13.96 -10.68 -11.52
CA TYR A 5 -13.55 -9.28 -11.42
C TYR A 5 -14.61 -8.48 -10.66
N LYS A 6 -14.15 -7.63 -9.75
CA LYS A 6 -15.06 -6.80 -8.98
C LYS A 6 -15.32 -5.49 -9.70
N ALA A 7 -16.40 -5.46 -10.49
CA ALA A 7 -16.74 -4.28 -11.29
C ALA A 7 -17.44 -3.22 -10.43
N PRO A 8 -16.81 -2.04 -10.30
CA PRO A 8 -17.36 -0.93 -9.53
C PRO A 8 -18.19 0.02 -10.39
N GLU A 9 -18.75 1.04 -9.76
CA GLU A 9 -19.49 2.06 -10.48
C GLU A 9 -18.57 3.21 -10.85
N GLY A 10 -18.47 4.19 -9.96
CA GLY A 10 -17.58 5.31 -10.18
C GLY A 10 -16.64 5.50 -9.01
N LYS A 11 -15.41 5.04 -9.18
CA LYS A 11 -14.44 5.03 -8.10
C LYS A 11 -13.19 5.80 -8.49
N GLY A 12 -12.52 6.37 -7.50
CA GLY A 12 -11.23 6.94 -7.72
C GLY A 12 -10.15 6.02 -7.19
N TYR A 13 -9.10 6.60 -6.67
CA TYR A 13 -7.98 5.85 -6.12
C TYR A 13 -8.29 5.37 -4.70
N ALA A 14 -9.58 5.27 -4.38
CA ALA A 14 -10.00 4.99 -3.01
C ALA A 14 -10.11 3.50 -2.76
N ASP A 15 -10.73 2.78 -3.68
CA ASP A 15 -10.99 1.36 -3.51
C ASP A 15 -9.72 0.57 -3.78
N VAL A 16 -8.87 1.14 -4.61
CA VAL A 16 -7.67 0.46 -5.05
C VAL A 16 -6.61 0.42 -3.93
N ALA A 17 -6.67 1.39 -3.02
CA ALA A 17 -5.79 1.40 -1.86
C ALA A 17 -6.02 0.19 -0.97
N THR A 18 -7.28 -0.24 -0.88
CA THR A 18 -7.65 -1.38 -0.04
C THR A 18 -6.92 -2.65 -0.48
N HIS A 19 -6.55 -2.71 -1.75
CA HIS A 19 -5.85 -3.85 -2.31
C HIS A 19 -4.58 -4.15 -1.51
N PHE A 20 -3.78 -3.13 -1.28
CA PHE A 20 -2.50 -3.30 -0.60
C PHE A 20 -2.67 -3.33 0.91
N ARG A 21 -3.61 -2.55 1.44
CA ARG A 21 -3.85 -2.51 2.88
C ARG A 21 -4.19 -3.89 3.40
N THR A 22 -4.85 -4.68 2.56
CA THR A 22 -5.21 -6.03 2.94
C THR A 22 -4.01 -6.96 2.80
N LEU A 23 -3.42 -6.98 1.61
CA LEU A 23 -2.28 -7.84 1.28
C LEU A 23 -1.16 -7.79 2.31
N ILE A 24 -0.80 -6.58 2.71
CA ILE A 24 0.31 -6.39 3.64
C ILE A 24 -0.05 -6.89 5.03
N LYS A 25 -1.26 -6.60 5.49
CA LYS A 25 -1.65 -6.96 6.84
C LYS A 25 -2.22 -8.37 6.89
N SER A 26 -2.39 -8.99 5.72
CA SER A 26 -2.69 -10.41 5.64
C SER A 26 -1.44 -11.16 5.19
N GLY A 27 -0.30 -10.47 5.33
CA GLY A 27 1.00 -10.86 4.77
C GLY A 27 0.98 -11.80 3.57
N GLU A 28 -0.08 -11.75 2.79
CA GLU A 28 -0.14 -12.48 1.53
C GLU A 28 0.84 -11.86 0.54
N LEU A 29 1.01 -10.55 0.66
CA LEU A 29 2.03 -9.83 -0.08
C LEU A 29 3.17 -9.55 0.87
N ALA A 30 4.18 -10.43 0.84
CA ALA A 30 5.25 -10.41 1.83
C ALA A 30 6.17 -9.20 1.67
N PRO A 31 6.82 -8.78 2.77
CA PRO A 31 7.79 -7.69 2.75
C PRO A 31 9.12 -8.17 2.17
N GLY A 32 9.59 -7.44 1.17
CA GLY A 32 10.76 -7.86 0.44
C GLY A 32 10.37 -8.33 -0.95
N ASP A 33 9.08 -8.39 -1.19
CA ASP A 33 8.54 -8.75 -2.49
C ASP A 33 8.23 -7.46 -3.25
N THR A 34 8.32 -7.50 -4.55
CA THR A 34 8.05 -6.32 -5.36
C THR A 34 6.55 -6.11 -5.50
N LEU A 35 6.14 -4.89 -5.78
CA LEU A 35 4.75 -4.63 -6.09
C LEU A 35 4.34 -5.42 -7.31
N PRO A 36 3.13 -5.99 -7.29
CA PRO A 36 2.62 -6.78 -8.41
C PRO A 36 2.20 -5.90 -9.59
N SER A 37 1.95 -6.51 -10.72
CA SER A 37 1.53 -5.80 -11.90
C SER A 37 0.17 -5.18 -11.66
N VAL A 38 -0.09 -4.04 -12.29
CA VAL A 38 -1.36 -3.32 -12.10
C VAL A 38 -2.57 -4.25 -12.28
N ALA A 39 -2.39 -5.28 -13.09
CA ALA A 39 -3.42 -6.28 -13.32
C ALA A 39 -3.85 -6.97 -12.02
N ASP A 40 -2.88 -7.32 -11.18
CA ASP A 40 -3.18 -8.05 -9.95
C ASP A 40 -3.94 -7.16 -8.96
N ILE A 41 -3.77 -5.85 -9.11
CA ILE A 41 -4.49 -4.90 -8.30
C ILE A 41 -5.90 -4.74 -8.83
N ARG A 42 -6.00 -4.39 -10.12
CA ARG A 42 -7.27 -3.98 -10.72
C ARG A 42 -8.19 -5.16 -11.03
N ALA A 43 -7.64 -6.34 -11.14
CA ALA A 43 -8.45 -7.52 -11.43
C ALA A 43 -9.28 -7.90 -10.21
N GLN A 44 -8.66 -7.78 -9.05
CA GLN A 44 -9.33 -8.04 -7.80
C GLN A 44 -10.11 -6.80 -7.39
N PHE A 45 -9.37 -5.72 -7.20
CA PHE A 45 -9.94 -4.43 -6.90
C PHE A 45 -10.16 -3.65 -8.18
N GLY A 46 -11.40 -3.67 -8.65
CA GLY A 46 -11.75 -3.11 -9.96
C GLY A 46 -11.36 -1.66 -10.12
N VAL A 47 -10.26 -1.43 -10.80
CA VAL A 47 -9.77 -0.08 -11.09
C VAL A 47 -9.07 -0.05 -12.44
N ALA A 48 -8.61 1.11 -12.84
CA ALA A 48 -7.79 1.22 -14.03
C ALA A 48 -6.32 1.08 -13.65
N ALA A 49 -5.44 1.05 -14.64
CA ALA A 49 -4.02 0.90 -14.38
C ALA A 49 -3.44 2.22 -13.90
N LYS A 50 -4.16 3.28 -14.19
CA LYS A 50 -3.84 4.60 -13.67
C LYS A 50 -4.20 4.66 -12.19
N THR A 51 -5.41 4.18 -11.89
CA THR A 51 -5.97 4.22 -10.55
C THR A 51 -5.07 3.53 -9.54
N VAL A 52 -4.54 2.38 -9.92
CA VAL A 52 -3.62 1.61 -9.06
C VAL A 52 -2.47 2.49 -8.58
N SER A 53 -1.79 3.11 -9.54
CA SER A 53 -0.62 3.92 -9.26
C SER A 53 -1.01 5.23 -8.54
N ARG A 54 -2.30 5.49 -8.41
CA ARG A 54 -2.75 6.70 -7.73
C ARG A 54 -2.78 6.49 -6.22
N ALA A 55 -3.34 5.37 -5.78
CA ALA A 55 -3.39 5.03 -4.38
C ALA A 55 -2.01 4.65 -3.84
N LEU A 56 -1.09 4.28 -4.75
CA LEU A 56 0.30 3.99 -4.36
C LEU A 56 0.90 5.15 -3.57
N ALA A 57 0.44 6.36 -3.85
CA ALA A 57 0.89 7.54 -3.12
C ALA A 57 0.49 7.44 -1.65
N VAL A 58 -0.63 6.77 -1.40
CA VAL A 58 -1.13 6.57 -0.05
C VAL A 58 -0.50 5.32 0.58
N LEU A 59 -0.18 4.35 -0.26
CA LEU A 59 0.26 3.05 0.22
C LEU A 59 1.69 3.11 0.71
N LYS A 60 2.42 4.13 0.33
CA LYS A 60 3.79 4.25 0.81
C LYS A 60 3.81 4.50 2.32
N SER A 61 2.80 5.22 2.81
CA SER A 61 2.66 5.47 4.23
C SER A 61 1.73 4.44 4.86
N GLU A 62 0.56 4.28 4.26
CA GLU A 62 -0.51 3.46 4.81
C GLU A 62 -0.35 1.98 4.44
N GLY A 63 -0.22 1.71 3.15
CA GLY A 63 -0.16 0.33 2.69
C GLY A 63 1.19 -0.32 2.94
N LEU A 64 2.14 0.48 3.40
CA LEU A 64 3.49 0.02 3.74
C LEU A 64 4.23 -0.53 2.52
N VAL A 65 4.74 0.38 1.69
CA VAL A 65 5.49 0.00 0.50
C VAL A 65 6.35 1.17 0.03
N SER A 66 7.62 0.87 -0.33
CA SER A 66 8.57 1.86 -0.89
C SER A 66 10.01 1.56 -0.48
N SER A 67 10.63 0.59 -1.11
CA SER A 67 12.05 0.37 -0.91
C SER A 67 12.89 1.08 -1.98
N ARG A 68 12.66 0.71 -3.24
CA ARG A 68 13.54 1.15 -4.33
C ARG A 68 12.80 1.98 -5.36
N GLY A 69 13.43 3.07 -5.76
CA GLY A 69 12.98 3.82 -6.91
C GLY A 69 13.69 3.36 -8.17
N ALA A 70 14.93 2.91 -8.01
CA ALA A 70 15.78 2.53 -9.13
C ALA A 70 15.42 1.14 -9.65
N LEU A 71 15.57 0.14 -8.80
CA LEU A 71 15.20 -1.22 -9.16
C LEU A 71 13.69 -1.30 -9.35
N GLY A 72 12.98 -1.03 -8.27
CA GLY A 72 11.53 -0.99 -8.33
C GLY A 72 10.91 -0.93 -6.97
N THR A 73 9.66 -0.49 -6.91
CA THR A 73 9.01 -0.26 -5.65
C THR A 73 8.51 -1.59 -5.08
N VAL A 74 8.99 -1.90 -3.89
CA VAL A 74 8.69 -3.18 -3.28
C VAL A 74 8.02 -2.95 -1.93
N VAL A 75 7.41 -4.01 -1.43
CA VAL A 75 6.66 -3.96 -0.20
C VAL A 75 7.59 -4.15 0.99
N GLU A 76 7.59 -3.20 1.90
CA GLU A 76 8.35 -3.33 3.13
C GLU A 76 7.48 -2.96 4.32
N LYS A 77 7.86 -3.42 5.51
CA LYS A 77 7.11 -3.08 6.71
C LYS A 77 7.42 -1.63 7.13
N ASN A 78 7.01 -0.71 6.27
CA ASN A 78 7.20 0.72 6.51
C ASN A 78 6.60 1.13 7.85
N PRO A 79 7.25 2.03 8.56
CA PRO A 79 6.72 2.57 9.80
C PRO A 79 5.53 3.47 9.56
N ILE A 80 4.40 3.08 10.10
CA ILE A 80 3.19 3.82 9.95
C ILE A 80 3.14 4.99 10.92
N VAL A 81 3.20 6.19 10.32
CA VAL A 81 3.15 7.47 11.04
C VAL A 81 3.94 7.44 12.35
N ILE A 82 5.07 6.75 12.32
CA ILE A 82 5.86 6.52 13.52
C ILE A 82 6.74 7.74 13.82
N THR A 83 6.85 8.09 15.09
CA THR A 83 7.67 9.23 15.50
C THR A 83 8.38 8.95 16.82
N GLY A 84 7.78 8.11 17.66
CA GLY A 84 8.37 7.83 18.94
C GLY A 84 8.48 6.35 19.22
N ALA A 85 9.16 5.62 18.34
CA ALA A 85 9.35 4.19 18.52
C ALA A 85 10.53 3.91 19.43
N ASP A 86 11.53 4.77 19.35
CA ASP A 86 12.75 4.63 20.14
C ASP A 86 12.54 5.14 21.55
N ARG A 87 11.41 5.79 21.79
CA ARG A 87 11.11 6.34 23.11
C ARG A 87 10.64 5.25 24.06
N LEU A 88 9.76 4.40 23.56
CA LEU A 88 9.09 3.39 24.37
C LEU A 88 10.09 2.42 25.00
N LYS A 89 10.27 2.57 26.31
CA LYS A 89 11.13 1.69 27.08
C LYS A 89 10.75 1.72 28.56
N ARG A 90 9.90 2.68 28.91
CA ARG A 90 9.47 2.88 30.29
C ARG A 90 8.40 3.96 30.36
N MET A 91 8.72 5.14 29.83
CA MET A 91 7.80 6.27 29.86
C MET A 91 8.03 7.17 28.66
N GLU A 92 9.16 7.86 28.64
CA GLU A 92 9.49 8.75 27.54
C GLU A 92 10.98 8.68 27.24
N LYS A 93 11.80 9.28 28.11
CA LYS A 93 13.24 9.28 27.92
C LYS A 93 13.96 9.46 29.24
N ASN A 94 14.37 8.36 29.83
CA ASN A 94 15.16 8.39 31.06
C ASN A 94 16.63 8.66 30.70
N GLY A 95 17.28 9.50 31.50
CA GLY A 95 18.64 9.91 31.18
C GLY A 95 19.69 8.88 31.54
N MET A 96 19.43 7.63 31.21
CA MET A 96 20.39 6.56 31.43
C MET A 96 20.72 5.88 30.11
N ARG A 97 22.00 5.71 29.84
CA ARG A 97 22.45 5.02 28.65
C ARG A 97 22.15 3.53 28.77
N TYR A 98 21.14 3.08 28.03
CA TYR A 98 20.76 1.68 28.04
C TYR A 98 21.68 0.91 27.12
N ALA A 99 22.23 -0.19 27.60
CA ALA A 99 23.08 -1.04 26.79
C ALA A 99 22.24 -1.91 25.87
N PRO A 100 22.21 -1.57 24.58
CA PRO A 100 21.38 -2.25 23.60
C PRO A 100 22.13 -3.39 22.92
N GLY A 101 23.22 -3.80 23.55
CA GLY A 101 24.10 -4.80 22.99
C GLY A 101 25.54 -4.52 23.37
N GLU A 102 25.90 -4.87 24.60
CA GLU A 102 27.22 -4.57 25.11
C GLU A 102 27.78 -5.80 25.84
N MET A 3 -6.53 -12.77 -14.73
CA MET A 3 -7.84 -12.57 -14.09
C MET A 3 -8.62 -11.50 -14.84
N PRO A 4 -9.93 -11.70 -15.02
CA PRO A 4 -10.80 -10.72 -15.65
C PRO A 4 -10.96 -9.48 -14.78
N TYR A 5 -10.47 -8.35 -15.26
CA TYR A 5 -10.58 -7.12 -14.49
C TYR A 5 -12.00 -6.59 -14.54
N LYS A 6 -12.44 -6.02 -13.43
CA LYS A 6 -13.83 -5.62 -13.29
C LYS A 6 -14.00 -4.17 -13.68
N ALA A 7 -14.96 -3.92 -14.55
CA ALA A 7 -15.24 -2.56 -15.01
C ALA A 7 -15.85 -1.74 -13.88
N PRO A 8 -15.16 -0.66 -13.48
CA PRO A 8 -15.62 0.21 -12.40
C PRO A 8 -16.53 1.32 -12.90
N GLU A 9 -17.30 1.90 -11.97
CA GLU A 9 -18.15 3.03 -12.28
C GLU A 9 -17.96 4.13 -11.25
N GLY A 10 -17.10 5.09 -11.56
CA GLY A 10 -16.79 6.16 -10.64
C GLY A 10 -15.92 5.66 -9.50
N LYS A 11 -14.99 4.79 -9.82
CA LYS A 11 -14.09 4.23 -8.83
C LYS A 11 -12.71 4.87 -8.94
N GLY A 12 -12.37 5.71 -7.98
CA GLY A 12 -11.06 6.31 -7.99
C GLY A 12 -10.04 5.46 -7.27
N TYR A 13 -8.97 6.10 -6.84
CA TYR A 13 -7.86 5.42 -6.18
C TYR A 13 -8.24 4.95 -4.79
N ALA A 14 -9.47 5.22 -4.38
CA ALA A 14 -9.89 5.02 -3.00
C ALA A 14 -10.12 3.55 -2.70
N ASP A 15 -10.45 2.78 -3.72
CA ASP A 15 -10.71 1.37 -3.55
C ASP A 15 -9.40 0.62 -3.37
N VAL A 16 -8.39 1.04 -4.11
CA VAL A 16 -7.09 0.41 -4.03
C VAL A 16 -6.25 1.01 -2.91
N ALA A 17 -6.59 2.23 -2.51
CA ALA A 17 -5.98 2.85 -1.33
C ALA A 17 -6.42 2.09 -0.08
N THR A 18 -7.44 1.26 -0.24
CA THR A 18 -7.88 0.39 0.82
C THR A 18 -7.40 -1.05 0.56
N HIS A 19 -7.21 -1.38 -0.72
CA HIS A 19 -6.88 -2.75 -1.13
C HIS A 19 -5.57 -3.25 -0.53
N PHE A 20 -4.71 -2.34 -0.10
CA PHE A 20 -3.41 -2.72 0.45
C PHE A 20 -3.60 -3.63 1.66
N ARG A 21 -4.67 -3.39 2.38
CA ARG A 21 -4.95 -4.08 3.63
C ARG A 21 -5.28 -5.54 3.37
N THR A 22 -5.77 -5.80 2.18
CA THR A 22 -6.05 -7.16 1.75
C THR A 22 -4.74 -7.96 1.65
N LEU A 23 -3.68 -7.29 1.23
CA LEU A 23 -2.39 -7.92 0.98
C LEU A 23 -1.50 -7.89 2.23
N ILE A 24 -1.41 -6.70 2.84
CA ILE A 24 -0.58 -6.49 4.03
C ILE A 24 -1.14 -7.25 5.23
N LYS A 25 -2.37 -7.72 5.07
CA LYS A 25 -3.07 -8.44 6.11
C LYS A 25 -2.22 -9.53 6.76
N SER A 26 -2.04 -10.66 6.08
CA SER A 26 -1.35 -11.78 6.73
C SER A 26 -0.06 -12.21 6.04
N GLY A 27 0.03 -12.08 4.73
CA GLY A 27 1.22 -12.54 4.04
C GLY A 27 1.27 -12.20 2.57
N GLU A 28 0.10 -11.93 1.99
CA GLU A 28 -0.03 -11.82 0.54
C GLU A 28 0.78 -10.67 -0.04
N LEU A 29 1.12 -9.70 0.79
CA LEU A 29 2.11 -8.70 0.42
C LEU A 29 3.23 -8.74 1.44
N ALA A 30 4.15 -9.68 1.23
CA ALA A 30 5.20 -9.95 2.19
C ALA A 30 6.26 -8.85 2.18
N PRO A 31 6.78 -8.49 3.37
CA PRO A 31 7.82 -7.49 3.49
C PRO A 31 9.17 -8.05 3.10
N GLY A 32 9.81 -7.41 2.15
CA GLY A 32 11.04 -7.92 1.60
C GLY A 32 10.83 -8.55 0.24
N ASP A 33 9.58 -8.51 -0.22
CA ASP A 33 9.22 -9.03 -1.52
C ASP A 33 8.67 -7.90 -2.37
N THR A 34 8.72 -8.03 -3.68
CA THR A 34 8.26 -6.98 -4.56
C THR A 34 6.75 -7.03 -4.74
N LEU A 35 6.12 -5.87 -4.72
CA LEU A 35 4.69 -5.79 -5.00
C LEU A 35 4.47 -5.97 -6.49
N PRO A 36 3.31 -6.51 -6.86
CA PRO A 36 3.01 -6.84 -8.26
C PRO A 36 2.66 -5.60 -9.08
N SER A 37 2.60 -5.78 -10.38
CA SER A 37 2.34 -4.68 -11.29
C SER A 37 0.87 -4.32 -11.27
N VAL A 38 0.51 -3.32 -12.07
CA VAL A 38 -0.82 -2.74 -12.04
C VAL A 38 -1.93 -3.73 -12.40
N ALA A 39 -1.57 -4.83 -13.04
CA ALA A 39 -2.56 -5.79 -13.52
C ALA A 39 -3.23 -6.54 -12.39
N ASP A 40 -2.45 -6.91 -11.37
CA ASP A 40 -2.98 -7.70 -10.24
C ASP A 40 -4.01 -6.89 -9.45
N ILE A 41 -3.60 -5.72 -9.00
CA ILE A 41 -4.43 -4.84 -8.21
C ILE A 41 -5.70 -4.49 -8.99
N ARG A 42 -5.53 -4.26 -10.29
CA ARG A 42 -6.60 -3.78 -11.15
C ARG A 42 -7.57 -4.89 -11.57
N ALA A 43 -7.08 -6.12 -11.64
CA ALA A 43 -7.92 -7.24 -12.05
C ALA A 43 -8.74 -7.76 -10.87
N GLN A 44 -8.16 -7.65 -9.69
CA GLN A 44 -8.88 -7.99 -8.47
C GLN A 44 -9.86 -6.88 -8.16
N PHE A 45 -9.28 -5.73 -7.87
CA PHE A 45 -10.04 -4.53 -7.58
C PHE A 45 -10.27 -3.73 -8.84
N GLY A 46 -11.52 -3.69 -9.28
CA GLY A 46 -11.88 -2.95 -10.48
C GLY A 46 -11.45 -1.50 -10.45
N VAL A 47 -10.27 -1.24 -10.98
CA VAL A 47 -9.72 0.10 -11.10
C VAL A 47 -9.05 0.27 -12.45
N ALA A 48 -8.49 1.43 -12.72
CA ALA A 48 -7.62 1.62 -13.87
C ALA A 48 -6.19 1.31 -13.45
N ALA A 49 -5.27 1.30 -14.39
CA ALA A 49 -3.90 0.94 -14.10
C ALA A 49 -3.18 2.07 -13.39
N LYS A 50 -3.47 3.30 -13.78
CA LYS A 50 -2.92 4.47 -13.11
C LYS A 50 -3.62 4.72 -11.78
N THR A 51 -4.77 4.07 -11.58
CA THR A 51 -5.49 4.16 -10.33
C THR A 51 -4.77 3.37 -9.25
N VAL A 52 -4.30 2.18 -9.64
CA VAL A 52 -3.48 1.34 -8.77
C VAL A 52 -2.27 2.11 -8.27
N SER A 53 -1.44 2.54 -9.22
CA SER A 53 -0.23 3.28 -8.94
C SER A 53 -0.50 4.55 -8.14
N ARG A 54 -1.72 5.08 -8.27
CA ARG A 54 -2.06 6.34 -7.59
C ARG A 54 -2.22 6.09 -6.10
N ALA A 55 -2.98 5.06 -5.76
CA ALA A 55 -3.16 4.68 -4.37
C ALA A 55 -1.84 4.23 -3.75
N LEU A 56 -0.97 3.66 -4.57
CA LEU A 56 0.36 3.24 -4.10
C LEU A 56 1.14 4.42 -3.52
N ALA A 57 0.87 5.62 -4.04
CA ALA A 57 1.51 6.83 -3.53
C ALA A 57 1.04 7.12 -2.11
N VAL A 58 -0.17 6.70 -1.81
CA VAL A 58 -0.71 6.82 -0.46
C VAL A 58 -0.26 5.62 0.37
N LEU A 59 -0.11 4.50 -0.33
CA LEU A 59 0.22 3.23 0.27
C LEU A 59 1.70 3.16 0.62
N LYS A 60 2.41 4.26 0.42
CA LYS A 60 3.77 4.36 0.89
C LYS A 60 3.78 4.34 2.41
N SER A 61 3.03 5.28 2.99
CA SER A 61 2.96 5.42 4.44
C SER A 61 1.76 4.66 4.98
N GLU A 62 0.66 4.74 4.24
CA GLU A 62 -0.58 4.10 4.62
C GLU A 62 -0.49 2.58 4.41
N GLY A 63 -0.08 2.19 3.21
CA GLY A 63 -0.03 0.79 2.86
C GLY A 63 1.28 0.13 3.22
N LEU A 64 2.27 0.96 3.54
CA LEU A 64 3.58 0.49 3.98
C LEU A 64 4.32 -0.25 2.86
N VAL A 65 4.70 0.48 1.82
CA VAL A 65 5.49 -0.08 0.73
C VAL A 65 6.60 0.88 0.31
N SER A 66 7.65 0.35 -0.29
CA SER A 66 8.76 1.17 -0.74
C SER A 66 8.88 1.10 -2.26
N SER A 67 8.30 2.08 -2.93
CA SER A 67 8.33 2.12 -4.38
C SER A 67 9.61 2.78 -4.85
N ARG A 68 10.52 1.99 -5.41
CA ARG A 68 11.75 2.52 -5.95
C ARG A 68 11.70 2.54 -7.48
N GLY A 69 11.60 3.73 -8.05
CA GLY A 69 11.55 3.86 -9.50
C GLY A 69 12.92 3.70 -10.14
N ALA A 70 13.63 2.66 -9.71
CA ALA A 70 14.97 2.39 -10.18
C ALA A 70 15.32 0.94 -9.90
N LEU A 71 15.22 0.55 -8.64
CA LEU A 71 15.45 -0.83 -8.23
C LEU A 71 14.18 -1.66 -8.40
N GLY A 72 13.04 -1.03 -8.12
CA GLY A 72 11.77 -1.70 -8.30
C GLY A 72 10.81 -1.43 -7.17
N THR A 73 9.59 -1.91 -7.30
CA THR A 73 8.58 -1.72 -6.29
C THR A 73 8.66 -2.83 -5.24
N VAL A 74 9.19 -2.49 -4.08
CA VAL A 74 9.44 -3.49 -3.05
C VAL A 74 8.57 -3.23 -1.84
N VAL A 75 8.04 -4.29 -1.25
CA VAL A 75 7.18 -4.14 -0.09
C VAL A 75 8.03 -4.20 1.17
N GLU A 76 8.48 -3.05 1.63
CA GLU A 76 9.20 -2.98 2.88
C GLU A 76 8.22 -2.63 3.96
N LYS A 77 8.37 -3.26 5.12
CA LYS A 77 7.49 -2.97 6.23
C LYS A 77 7.83 -1.59 6.78
N ASN A 78 7.26 -0.57 6.18
CA ASN A 78 7.50 0.79 6.61
C ASN A 78 6.88 1.02 7.98
N PRO A 79 7.59 1.76 8.84
CA PRO A 79 7.05 2.21 10.10
C PRO A 79 6.13 3.40 9.87
N ILE A 80 4.88 3.21 10.25
CA ILE A 80 3.84 4.18 10.00
C ILE A 80 4.16 5.53 10.67
N VAL A 81 4.36 6.54 9.81
CA VAL A 81 4.66 7.93 10.20
C VAL A 81 5.29 8.04 11.59
N ILE A 82 6.52 7.59 11.70
CA ILE A 82 7.18 7.51 12.99
C ILE A 82 7.88 8.82 13.35
N THR A 83 7.31 9.54 14.28
CA THR A 83 7.93 10.71 14.85
C THR A 83 8.49 10.39 16.23
N GLY A 84 7.86 9.41 16.88
CA GLY A 84 8.32 8.97 18.17
C GLY A 84 9.20 7.74 18.07
N ALA A 85 9.15 6.89 19.10
CA ALA A 85 9.90 5.64 19.16
C ALA A 85 11.42 5.86 19.13
N ASP A 86 11.93 6.24 17.97
CA ASP A 86 13.36 6.48 17.79
C ASP A 86 13.69 7.96 17.77
N ARG A 87 12.79 8.77 17.23
CA ARG A 87 13.06 10.19 17.10
C ARG A 87 12.58 10.96 18.33
N LEU A 88 11.75 10.32 19.15
CA LEU A 88 11.34 10.88 20.42
C LEU A 88 11.86 10.03 21.57
N LYS A 89 13.01 10.41 22.10
CA LYS A 89 13.64 9.65 23.19
C LYS A 89 13.83 10.53 24.41
N ARG A 90 14.71 11.53 24.29
CA ARG A 90 15.08 12.43 25.39
C ARG A 90 15.86 11.67 26.46
N MET A 91 15.13 10.87 27.23
CA MET A 91 15.68 10.16 28.37
C MET A 91 14.65 9.12 28.82
N GLU A 92 15.10 8.08 29.49
CA GLU A 92 14.23 7.03 30.05
C GLU A 92 13.72 6.09 28.95
N LYS A 93 12.91 6.64 28.05
CA LYS A 93 12.26 5.84 27.03
C LYS A 93 13.12 5.76 25.77
N ASN A 94 13.47 4.54 25.40
CA ASN A 94 14.25 4.30 24.20
C ASN A 94 13.58 3.23 23.33
N GLY A 95 13.25 3.58 22.10
CA GLY A 95 12.68 2.63 21.18
C GLY A 95 13.75 1.93 20.36
N MET A 96 14.08 2.51 19.22
CA MET A 96 15.11 1.96 18.35
C MET A 96 16.45 2.63 18.66
N ARG A 97 17.52 2.17 18.02
CA ARG A 97 18.82 2.78 18.23
C ARG A 97 19.24 3.56 17.00
N TYR A 98 20.14 4.51 17.19
CA TYR A 98 20.65 5.30 16.09
C TYR A 98 21.77 4.56 15.37
N ALA A 99 21.95 4.86 14.10
CA ALA A 99 23.01 4.23 13.32
C ALA A 99 24.34 4.90 13.64
N PRO A 100 25.26 4.16 14.27
CA PRO A 100 26.54 4.69 14.71
C PRO A 100 27.60 4.62 13.61
N GLY A 101 27.13 4.59 12.37
CA GLY A 101 28.03 4.55 11.23
C GLY A 101 27.50 5.36 10.08
N GLU A 102 26.70 6.36 10.40
CA GLU A 102 26.09 7.23 9.41
C GLU A 102 26.00 8.65 9.94
N MET A 3 -7.62 -14.27 -12.34
CA MET A 3 -8.26 -13.48 -11.26
C MET A 3 -9.61 -12.95 -11.73
N PRO A 4 -10.65 -13.05 -10.89
CA PRO A 4 -11.97 -12.49 -11.19
C PRO A 4 -11.91 -10.97 -11.26
N TYR A 5 -12.41 -10.41 -12.35
CA TYR A 5 -12.31 -8.97 -12.58
C TYR A 5 -13.46 -8.23 -11.90
N LYS A 6 -13.12 -7.22 -11.12
CA LYS A 6 -14.10 -6.37 -10.49
C LYS A 6 -14.36 -5.16 -11.38
N ALA A 7 -15.57 -5.06 -11.92
CA ALA A 7 -15.93 -3.96 -12.81
C ALA A 7 -16.30 -2.72 -11.99
N PRO A 8 -15.59 -1.61 -12.22
CA PRO A 8 -15.83 -0.35 -11.55
C PRO A 8 -16.74 0.59 -12.33
N GLU A 9 -17.72 1.17 -11.65
CA GLU A 9 -18.56 2.19 -12.26
C GLU A 9 -18.07 3.56 -11.81
N GLY A 10 -18.34 3.88 -10.56
CA GLY A 10 -17.81 5.09 -9.97
C GLY A 10 -16.50 4.82 -9.29
N LYS A 11 -15.41 5.00 -10.03
CA LYS A 11 -14.09 4.63 -9.55
C LYS A 11 -13.53 5.60 -8.53
N GLY A 12 -12.35 5.25 -8.07
CA GLY A 12 -11.62 6.04 -7.13
C GLY A 12 -10.45 5.25 -6.60
N TYR A 13 -9.38 5.92 -6.22
CA TYR A 13 -8.23 5.22 -5.65
C TYR A 13 -8.55 4.69 -4.26
N ALA A 14 -9.81 4.78 -3.89
CA ALA A 14 -10.25 4.35 -2.58
C ALA A 14 -10.42 2.85 -2.56
N ASP A 15 -10.72 2.28 -3.72
CA ASP A 15 -10.94 0.84 -3.83
C ASP A 15 -9.64 0.09 -3.58
N VAL A 16 -8.58 0.51 -4.26
CA VAL A 16 -7.29 -0.15 -4.12
C VAL A 16 -6.67 0.16 -2.77
N ALA A 17 -6.86 1.38 -2.29
CA ALA A 17 -6.37 1.79 -0.98
C ALA A 17 -6.88 0.85 0.10
N THR A 18 -8.18 0.60 0.09
CA THR A 18 -8.79 -0.24 1.11
C THR A 18 -8.58 -1.72 0.81
N HIS A 19 -8.32 -2.06 -0.45
CA HIS A 19 -8.19 -3.44 -0.86
C HIS A 19 -6.78 -3.98 -0.66
N PHE A 20 -5.78 -3.11 -0.77
CA PHE A 20 -4.40 -3.56 -0.63
C PHE A 20 -4.07 -3.86 0.82
N ARG A 21 -4.90 -3.34 1.72
CA ARG A 21 -4.74 -3.58 3.14
C ARG A 21 -4.90 -5.07 3.50
N THR A 22 -5.50 -5.82 2.58
CA THR A 22 -5.66 -7.26 2.76
C THR A 22 -4.38 -8.01 2.38
N LEU A 23 -3.61 -7.41 1.49
CA LEU A 23 -2.36 -8.01 1.03
C LEU A 23 -1.27 -7.72 2.04
N ILE A 24 -1.13 -6.44 2.38
CA ILE A 24 -0.13 -6.00 3.34
C ILE A 24 -0.61 -6.26 4.77
N LYS A 25 -1.66 -7.07 4.88
CA LYS A 25 -2.23 -7.42 6.15
C LYS A 25 -1.28 -8.27 6.97
N SER A 26 -1.17 -9.56 6.64
CA SER A 26 -0.37 -10.45 7.45
C SER A 26 0.83 -11.07 6.70
N GLY A 27 0.71 -11.26 5.38
CA GLY A 27 1.79 -11.94 4.69
C GLY A 27 1.67 -11.94 3.17
N GLU A 28 0.44 -11.82 2.66
CA GLU A 28 0.18 -11.95 1.23
C GLU A 28 1.05 -11.01 0.40
N LEU A 29 1.19 -9.79 0.86
CA LEU A 29 2.15 -8.86 0.28
C LEU A 29 3.22 -8.58 1.34
N ALA A 30 4.14 -9.53 1.49
CA ALA A 30 5.17 -9.44 2.51
C ALA A 30 6.10 -8.26 2.26
N PRO A 31 6.37 -7.44 3.30
CA PRO A 31 7.20 -6.25 3.18
C PRO A 31 8.66 -6.60 2.98
N GLY A 32 9.30 -5.89 2.06
CA GLY A 32 10.63 -6.24 1.62
C GLY A 32 10.59 -7.13 0.40
N ASP A 33 9.42 -7.22 -0.24
CA ASP A 33 9.27 -8.03 -1.44
C ASP A 33 8.77 -7.15 -2.58
N THR A 34 8.87 -7.62 -3.79
CA THR A 34 8.52 -6.83 -4.94
C THR A 34 7.00 -6.80 -5.14
N LEU A 35 6.53 -5.74 -5.77
CA LEU A 35 5.11 -5.59 -6.03
C LEU A 35 4.74 -6.26 -7.32
N PRO A 36 3.49 -6.72 -7.43
CA PRO A 36 2.95 -7.27 -8.67
C PRO A 36 2.62 -6.15 -9.67
N SER A 37 2.36 -6.52 -10.90
CA SER A 37 2.09 -5.54 -11.93
C SER A 37 0.71 -4.94 -11.72
N VAL A 38 0.50 -3.71 -12.23
CA VAL A 38 -0.77 -3.00 -12.06
C VAL A 38 -1.97 -3.84 -12.51
N ALA A 39 -1.71 -4.83 -13.36
CA ALA A 39 -2.76 -5.70 -13.87
C ALA A 39 -3.40 -6.50 -12.75
N ASP A 40 -2.57 -6.95 -11.80
CA ASP A 40 -3.04 -7.68 -10.65
C ASP A 40 -3.95 -6.82 -9.80
N ILE A 41 -3.45 -5.63 -9.46
CA ILE A 41 -4.19 -4.70 -8.64
C ILE A 41 -5.53 -4.37 -9.29
N ARG A 42 -5.49 -3.91 -10.55
CA ARG A 42 -6.69 -3.39 -11.21
C ARG A 42 -7.69 -4.48 -11.60
N ALA A 43 -7.25 -5.73 -11.65
CA ALA A 43 -8.15 -6.81 -12.01
C ALA A 43 -8.95 -7.26 -10.82
N GLN A 44 -8.28 -7.41 -9.68
CA GLN A 44 -8.96 -7.78 -8.46
C GLN A 44 -9.69 -6.56 -7.92
N PHE A 45 -8.92 -5.49 -7.80
CA PHE A 45 -9.43 -4.23 -7.32
C PHE A 45 -9.85 -3.39 -8.52
N GLY A 46 -11.15 -3.27 -8.74
CA GLY A 46 -11.68 -2.56 -9.90
C GLY A 46 -11.19 -1.14 -10.03
N VAL A 47 -10.03 -0.98 -10.65
CA VAL A 47 -9.44 0.32 -10.89
C VAL A 47 -8.77 0.34 -12.26
N ALA A 48 -8.20 1.47 -12.62
CA ALA A 48 -7.42 1.56 -13.84
C ALA A 48 -5.95 1.33 -13.51
N ALA A 49 -5.06 1.57 -14.46
CA ALA A 49 -3.64 1.32 -14.26
C ALA A 49 -3.02 2.42 -13.42
N LYS A 50 -3.41 3.65 -13.68
CA LYS A 50 -2.92 4.79 -12.92
C LYS A 50 -3.58 4.85 -11.55
N THR A 51 -4.83 4.37 -11.48
CA THR A 51 -5.58 4.38 -10.22
C THR A 51 -4.85 3.61 -9.13
N VAL A 52 -4.15 2.54 -9.53
CA VAL A 52 -3.30 1.79 -8.61
C VAL A 52 -2.26 2.71 -7.99
N SER A 53 -1.46 3.33 -8.86
CA SER A 53 -0.40 4.25 -8.44
C SER A 53 -0.99 5.51 -7.80
N ARG A 54 -2.29 5.69 -7.93
CA ARG A 54 -2.98 6.83 -7.32
C ARG A 54 -3.15 6.57 -5.83
N ALA A 55 -3.54 5.35 -5.47
CA ALA A 55 -3.66 4.99 -4.05
C ALA A 55 -2.30 4.65 -3.45
N LEU A 56 -1.33 4.34 -4.29
CA LEU A 56 0.03 4.02 -3.82
C LEU A 56 0.62 5.17 -3.00
N ALA A 57 0.15 6.39 -3.24
CA ALA A 57 0.61 7.55 -2.46
C ALA A 57 0.03 7.50 -1.06
N VAL A 58 -1.05 6.77 -0.88
CA VAL A 58 -1.61 6.52 0.44
C VAL A 58 -1.01 5.22 0.97
N LEU A 59 -0.83 4.26 0.07
CA LEU A 59 -0.23 2.97 0.38
C LEU A 59 1.27 3.08 0.63
N LYS A 60 1.79 4.30 0.68
CA LYS A 60 3.16 4.48 1.09
C LYS A 60 3.26 4.33 2.61
N SER A 61 2.29 4.90 3.32
CA SER A 61 2.18 4.71 4.76
C SER A 61 1.25 3.55 5.10
N GLU A 62 0.10 3.49 4.43
CA GLU A 62 -0.91 2.48 4.74
C GLU A 62 -0.51 1.11 4.18
N GLY A 63 -0.08 1.11 2.93
CA GLY A 63 0.28 -0.13 2.27
C GLY A 63 1.74 -0.48 2.43
N LEU A 64 2.53 0.50 2.89
CA LEU A 64 3.95 0.31 3.15
C LEU A 64 4.74 0.08 1.86
N VAL A 65 4.27 0.61 0.74
CA VAL A 65 4.84 0.30 -0.57
C VAL A 65 5.62 1.48 -1.13
N SER A 66 6.72 1.19 -1.81
CA SER A 66 7.58 2.22 -2.35
C SER A 66 8.18 1.78 -3.68
N SER A 67 8.43 2.74 -4.55
CA SER A 67 9.04 2.45 -5.83
C SER A 67 10.56 2.55 -5.72
N ARG A 68 11.20 1.42 -5.41
CA ARG A 68 12.65 1.38 -5.30
C ARG A 68 13.27 1.47 -6.68
N GLY A 69 13.82 2.64 -7.00
CA GLY A 69 14.40 2.85 -8.31
C GLY A 69 15.76 2.18 -8.46
N ALA A 70 15.78 0.88 -8.27
CA ALA A 70 16.99 0.09 -8.39
C ALA A 70 16.63 -1.37 -8.66
N LEU A 71 16.10 -2.03 -7.63
CA LEU A 71 15.65 -3.40 -7.76
C LEU A 71 14.28 -3.45 -8.41
N GLY A 72 13.53 -2.37 -8.21
CA GLY A 72 12.20 -2.27 -8.77
C GLY A 72 11.18 -1.91 -7.73
N THR A 73 9.92 -2.19 -8.00
CA THR A 73 8.87 -1.80 -7.09
C THR A 73 8.83 -2.79 -5.95
N VAL A 74 9.18 -2.34 -4.76
CA VAL A 74 9.39 -3.22 -3.63
C VAL A 74 8.66 -2.68 -2.42
N VAL A 75 7.98 -3.54 -1.69
CA VAL A 75 7.14 -3.07 -0.61
C VAL A 75 7.96 -2.81 0.66
N GLU A 76 8.70 -1.72 0.64
CA GLU A 76 9.25 -1.12 1.85
C GLU A 76 9.25 0.40 1.73
N LYS A 77 8.14 1.04 2.03
CA LYS A 77 8.13 2.50 2.02
C LYS A 77 8.34 3.04 3.41
N ASN A 78 7.27 3.06 4.15
CA ASN A 78 7.21 3.80 5.38
C ASN A 78 6.68 2.95 6.50
N PRO A 79 7.57 2.27 7.26
CA PRO A 79 7.19 1.50 8.43
C PRO A 79 6.12 2.21 9.24
N ILE A 80 5.00 1.53 9.43
CA ILE A 80 3.91 2.10 10.20
C ILE A 80 4.44 2.49 11.55
N VAL A 81 4.37 3.78 11.84
CA VAL A 81 4.88 4.35 13.07
C VAL A 81 4.26 3.69 14.29
N ILE A 82 4.79 2.54 14.62
CA ILE A 82 4.39 1.81 15.80
C ILE A 82 5.05 2.41 17.04
N THR A 83 4.24 3.00 17.90
CA THR A 83 4.74 3.67 19.10
C THR A 83 4.97 2.67 20.23
N GLY A 84 5.46 1.50 19.86
CA GLY A 84 5.75 0.45 20.83
C GLY A 84 6.72 -0.56 20.27
N ALA A 85 6.35 -1.82 20.32
CA ALA A 85 7.17 -2.90 19.80
C ALA A 85 6.33 -4.15 19.62
N ASP A 86 6.92 -5.18 19.01
CA ASP A 86 6.23 -6.45 18.78
C ASP A 86 6.26 -7.29 20.06
N ARG A 87 6.78 -6.68 21.12
CA ARG A 87 6.90 -7.32 22.42
C ARG A 87 5.56 -7.39 23.16
N LEU A 88 4.52 -6.81 22.57
CA LEU A 88 3.21 -6.78 23.20
C LEU A 88 2.54 -8.16 23.16
N LYS A 89 2.81 -8.95 24.19
CA LYS A 89 2.31 -10.32 24.27
C LYS A 89 0.80 -10.35 24.46
N ARG A 90 0.26 -9.34 25.13
CA ARG A 90 -1.17 -9.26 25.36
C ARG A 90 -1.69 -7.89 24.90
N MET A 91 -0.91 -7.26 24.03
CA MET A 91 -1.22 -5.94 23.49
C MET A 91 -1.23 -4.87 24.59
N GLU A 92 -2.33 -4.75 25.31
CA GLU A 92 -2.47 -3.75 26.34
C GLU A 92 -2.00 -4.27 27.70
N LYS A 93 -0.83 -4.91 27.69
CA LYS A 93 -0.23 -5.38 28.93
C LYS A 93 0.44 -4.20 29.63
N ASN A 94 -0.14 -3.77 30.73
CA ASN A 94 0.38 -2.64 31.48
C ASN A 94 1.79 -2.93 32.00
N GLY A 95 2.64 -1.91 31.99
CA GLY A 95 4.03 -2.06 32.38
C GLY A 95 4.23 -2.93 33.61
N MET A 96 3.83 -2.42 34.78
CA MET A 96 3.97 -3.17 36.01
C MET A 96 2.72 -4.00 36.28
N ARG A 97 2.35 -4.80 35.29
CA ARG A 97 1.24 -5.72 35.39
C ARG A 97 1.58 -7.00 34.65
N TYR A 98 1.83 -8.06 35.39
CA TYR A 98 2.13 -9.34 34.79
C TYR A 98 1.08 -10.35 35.20
N ALA A 99 0.19 -10.67 34.26
CA ALA A 99 -0.85 -11.67 34.49
C ALA A 99 -0.22 -13.04 34.73
N PRO A 100 -0.25 -13.52 35.96
CA PRO A 100 0.40 -14.76 36.37
C PRO A 100 -0.52 -15.97 36.28
N GLY A 101 -1.73 -15.76 35.79
CA GLY A 101 -2.69 -16.82 35.70
C GLY A 101 -3.40 -16.86 34.36
N GLU A 102 -2.64 -16.69 33.29
CA GLU A 102 -3.19 -16.78 31.95
C GLU A 102 -2.85 -18.13 31.35
#